data_3EGM
#
_entry.id   3EGM
#
_cell.length_a   128.528
_cell.length_b   128.528
_cell.length_c   165.380
_cell.angle_alpha   90.000
_cell.angle_beta   90.000
_cell.angle_gamma   90.000
#
_symmetry.space_group_name_H-M   'I 4'
#
loop_
_entity.id
_entity.type
_entity.pdbx_description
1 polymer Ferritin
2 non-polymer 'FE (III) ION'
3 non-polymer GLYCEROL
4 water water
#
_entity_poly.entity_id   1
_entity_poly.type   'polypeptide(L)'
_entity_poly.pdbx_seq_one_letter_code
;MGSSPHHHHHSQDPMLSKDIIKLLNEQVNKEMNSSNLYMSMSSWCYTHSLDGAGLFLFDHAAEEYEHAKKLIIFLNENNV
PVQLTSISAPEHKFEGLTQIFQKAYEHEQHISESINNIVDHAIKSKDHATFNFLQWYVAEQHEEEVLFKDILDKIELIGN
ENHGLYLADQYVKGIAKSRKS
;
_entity_poly.pdbx_strand_id   A,B,C,D,E,F
#
loop_
_chem_comp.id
_chem_comp.type
_chem_comp.name
_chem_comp.formula
FE non-polymer 'FE (III) ION' 'Fe 3'
GOL non-polymer GLYCEROL 'C3 H8 O3'
#
# COMPACT_ATOMS: atom_id res chain seq x y z
N HIS A 9 -38.26 -12.27 46.33
CA HIS A 9 -38.51 -13.07 45.09
C HIS A 9 -37.29 -13.92 44.77
N HIS A 10 -37.51 -15.04 44.09
CA HIS A 10 -36.42 -15.95 43.77
C HIS A 10 -35.81 -15.63 42.40
N SER A 11 -34.48 -15.54 42.36
CA SER A 11 -33.74 -15.38 41.12
C SER A 11 -32.91 -16.63 40.84
N GLN A 12 -32.72 -16.94 39.57
CA GLN A 12 -32.00 -18.15 39.17
C GLN A 12 -30.53 -18.13 39.60
N ASP A 13 -30.02 -19.30 39.97
CA ASP A 13 -28.63 -19.50 40.33
C ASP A 13 -27.71 -19.09 39.17
N PRO A 14 -26.44 -18.76 39.48
CA PRO A 14 -25.43 -18.53 38.44
C PRO A 14 -25.39 -19.71 37.46
N MET A 15 -25.28 -19.40 36.18
CA MET A 15 -25.34 -20.41 35.12
C MET A 15 -23.96 -21.01 34.79
N LEU A 16 -22.92 -20.49 35.45
CA LEU A 16 -21.56 -20.98 35.22
C LEU A 16 -21.04 -21.68 36.47
N SER A 17 -20.06 -22.58 36.28
CA SER A 17 -19.45 -23.30 37.40
C SER A 17 -18.57 -22.37 38.24
N LYS A 18 -18.31 -22.76 39.48
CA LYS A 18 -17.52 -21.95 40.41
C LYS A 18 -16.11 -21.63 39.92
N ASP A 19 -15.45 -22.60 39.30
CA ASP A 19 -14.09 -22.38 38.77
C ASP A 19 -14.06 -21.35 37.63
N ILE A 20 -15.02 -21.45 36.73
CA ILE A 20 -15.12 -20.55 35.57
C ILE A 20 -15.49 -19.14 36.04
N ILE A 21 -16.40 -19.05 37.01
CA ILE A 21 -16.75 -17.77 37.67
C ILE A 21 -15.49 -17.08 38.24
N LYS A 22 -14.68 -17.84 38.99
CA LYS A 22 -13.46 -17.32 39.58
C LYS A 22 -12.49 -16.80 38.52
N LEU A 23 -12.24 -17.60 37.49
CA LEU A 23 -11.33 -17.21 36.41
C LEU A 23 -11.80 -16.00 35.62
N LEU A 24 -13.10 -15.93 35.38
CA LEU A 24 -13.68 -14.80 34.63
C LEU A 24 -13.66 -13.51 35.44
N ASN A 25 -14.02 -13.59 36.72
CA ASN A 25 -13.92 -12.44 37.61
C ASN A 25 -12.50 -11.92 37.78
N GLU A 26 -11.55 -12.85 37.91
CA GLU A 26 -10.15 -12.48 37.96
C GLU A 26 -9.72 -11.75 36.69
N GLN A 27 -10.25 -12.19 35.56
CA GLN A 27 -9.93 -11.62 34.26
C GLN A 27 -10.46 -10.20 34.11
N VAL A 28 -11.67 -9.96 34.62
CA VAL A 28 -12.22 -8.60 34.63
C VAL A 28 -11.25 -7.67 35.37
N ASN A 29 -10.77 -8.11 36.53
CA ASN A 29 -9.83 -7.33 37.32
C ASN A 29 -8.45 -7.16 36.66
N LYS A 30 -7.98 -8.20 35.96
CA LYS A 30 -6.75 -8.09 35.17
C LYS A 30 -6.85 -7.02 34.10
N GLU A 31 -8.00 -6.97 33.42
CA GLU A 31 -8.20 -6.01 32.33
C GLU A 31 -8.31 -4.57 32.84
N MET A 32 -8.91 -4.42 34.02
N MET A 32 -8.93 -4.42 34.01
CA MET A 32 -8.99 -3.09 34.66
CA MET A 32 -9.01 -3.13 34.70
C MET A 32 -7.62 -2.62 35.11
C MET A 32 -7.61 -2.66 35.06
N ASN A 33 -6.83 -3.54 35.68
CA ASN A 33 -5.44 -3.24 36.05
C ASN A 33 -4.60 -2.85 34.83
N SER A 34 -4.76 -3.63 33.77
CA SER A 34 -4.07 -3.42 32.50
C SER A 34 -4.37 -2.02 31.94
N SER A 35 -5.65 -1.66 31.93
CA SER A 35 -6.10 -0.36 31.49
C SER A 35 -5.39 0.77 32.25
N ASN A 36 -5.28 0.63 33.57
CA ASN A 36 -4.61 1.64 34.38
C ASN A 36 -3.12 1.76 34.09
N LEU A 37 -2.50 0.61 33.83
CA LEU A 37 -1.08 0.55 33.51
C LEU A 37 -0.79 1.28 32.20
N TYR A 38 -1.63 1.04 31.20
CA TYR A 38 -1.49 1.71 29.91
C TYR A 38 -1.78 3.21 29.98
N MET A 39 -2.71 3.63 30.84
CA MET A 39 -2.92 5.06 31.07
C MET A 39 -1.67 5.70 31.68
N SER A 40 -1.01 4.98 32.60
CA SER A 40 0.22 5.43 33.24
C SER A 40 1.38 5.52 32.22
N MET A 41 1.55 4.46 31.42
CA MET A 41 2.54 4.43 30.36
C MET A 41 2.29 5.52 29.32
N SER A 42 1.02 5.72 28.97
CA SER A 42 0.61 6.78 28.05
C SER A 42 1.04 8.15 28.58
N SER A 43 0.72 8.42 29.85
CA SER A 43 1.05 9.69 30.50
C SER A 43 2.55 9.96 30.54
N TRP A 44 3.33 8.92 30.84
CA TRP A 44 4.78 9.05 30.78
C TRP A 44 5.22 9.53 29.39
N CYS A 45 4.69 8.91 28.33
CA CYS A 45 5.06 9.31 26.97
C CYS A 45 4.67 10.76 26.65
N TYR A 46 3.44 11.13 26.99
CA TYR A 46 2.96 12.50 26.80
C TYR A 46 3.79 13.57 27.51
N THR A 47 4.28 13.26 28.72
CA THR A 47 5.09 14.20 29.51
C THR A 47 6.58 14.14 29.17
N HIS A 48 6.93 13.30 28.19
CA HIS A 48 8.30 13.21 27.70
C HIS A 48 8.38 13.38 26.17
N SER A 49 7.46 14.18 25.63
CA SER A 49 7.42 14.59 24.21
C SER A 49 7.07 13.49 23.21
N LEU A 50 6.61 12.35 23.71
CA LEU A 50 6.27 11.21 22.86
C LEU A 50 4.75 11.11 22.73
N ASP A 51 4.14 12.07 22.05
CA ASP A 51 2.68 12.11 21.96
C ASP A 51 2.09 11.05 21.03
N GLY A 52 2.91 10.52 20.13
CA GLY A 52 2.55 9.38 19.30
C GLY A 52 2.31 8.13 20.13
N ALA A 53 3.30 7.74 20.91
CA ALA A 53 3.15 6.63 21.84
C ALA A 53 2.09 6.95 22.90
N GLY A 54 2.05 8.20 23.36
CA GLY A 54 1.02 8.65 24.31
C GLY A 54 -0.38 8.32 23.82
N LEU A 55 -0.68 8.70 22.57
CA LEU A 55 -2.00 8.47 21.98
C LEU A 55 -2.26 6.98 21.80
N PHE A 56 -1.28 6.28 21.25
CA PHE A 56 -1.40 4.86 21.01
C PHE A 56 -1.74 4.12 22.30
N LEU A 57 -1.00 4.43 23.37
CA LEU A 57 -1.17 3.75 24.65
C LEU A 57 -2.46 4.11 25.37
N PHE A 58 -2.89 5.37 25.22
CA PHE A 58 -4.18 5.83 25.74
C PHE A 58 -5.33 5.06 25.08
N ASP A 59 -5.31 4.99 23.75
CA ASP A 59 -6.33 4.26 23.02
C ASP A 59 -6.32 2.77 23.36
N HIS A 60 -5.12 2.22 23.56
CA HIS A 60 -5.02 0.82 23.97
C HIS A 60 -5.60 0.59 25.37
N ALA A 61 -5.35 1.53 26.28
CA ALA A 61 -5.92 1.46 27.62
C ALA A 61 -7.45 1.41 27.58
N ALA A 62 -8.06 2.29 26.78
CA ALA A 62 -9.51 2.34 26.62
C ALA A 62 -10.04 1.01 26.06
N GLU A 63 -9.27 0.37 25.19
CA GLU A 63 -9.64 -0.91 24.60
C GLU A 63 -9.63 -2.05 25.62
N GLU A 64 -8.64 -2.06 26.52
CA GLU A 64 -8.60 -3.08 27.56
C GLU A 64 -9.82 -2.95 28.47
N TYR A 65 -10.21 -1.71 28.76
CA TYR A 65 -11.41 -1.47 29.55
C TYR A 65 -12.67 -1.96 28.81
N GLU A 66 -12.70 -1.82 27.49
CA GLU A 66 -13.81 -2.36 26.67
C GLU A 66 -13.89 -3.88 26.80
N HIS A 67 -12.75 -4.55 26.88
CA HIS A 67 -12.70 -6.01 27.14
C HIS A 67 -13.28 -6.37 28.52
N ALA A 68 -12.91 -5.59 29.55
CA ALA A 68 -13.47 -5.77 30.89
C ALA A 68 -15.00 -5.66 30.87
N LYS A 69 -15.52 -4.63 30.18
CA LYS A 69 -16.98 -4.46 30.03
C LYS A 69 -17.69 -5.63 29.35
N LYS A 70 -17.09 -6.17 28.29
CA LYS A 70 -17.68 -7.29 27.56
C LYS A 70 -17.71 -8.57 28.41
N LEU A 71 -16.66 -8.77 29.21
CA LEU A 71 -16.63 -9.87 30.18
C LEU A 71 -17.70 -9.70 31.28
N ILE A 72 -17.80 -8.49 31.81
CA ILE A 72 -18.87 -8.15 32.77
C ILE A 72 -20.28 -8.44 32.22
N ILE A 73 -20.54 -8.05 30.96
CA ILE A 73 -21.82 -8.35 30.30
C ILE A 73 -22.11 -9.85 30.27
N PHE A 74 -21.10 -10.66 29.95
CA PHE A 74 -21.26 -12.12 29.93
C PHE A 74 -21.57 -12.69 31.31
N LEU A 75 -20.92 -12.16 32.35
CA LEU A 75 -21.19 -12.55 33.73
C LEU A 75 -22.61 -12.15 34.12
N ASN A 76 -22.97 -10.90 33.89
CA ASN A 76 -24.34 -10.42 34.08
C ASN A 76 -25.41 -11.35 33.43
N GLU A 77 -25.21 -11.70 32.15
CA GLU A 77 -26.20 -12.48 31.41
C GLU A 77 -26.37 -13.90 31.97
N ASN A 78 -25.31 -14.42 32.60
CA ASN A 78 -25.32 -15.73 33.24
C ASN A 78 -25.71 -15.68 34.73
N ASN A 79 -26.24 -14.54 35.18
CA ASN A 79 -26.57 -14.35 36.61
C ASN A 79 -25.39 -14.61 37.54
N VAL A 80 -24.21 -14.22 37.10
CA VAL A 80 -22.99 -14.43 37.89
C VAL A 80 -22.59 -13.09 38.54
N PRO A 81 -22.51 -13.06 39.89
CA PRO A 81 -22.05 -11.82 40.56
C PRO A 81 -20.67 -11.37 40.07
N VAL A 82 -20.59 -10.10 39.68
CA VAL A 82 -19.32 -9.48 39.32
C VAL A 82 -18.60 -9.13 40.62
N GLN A 83 -17.38 -9.63 40.77
CA GLN A 83 -16.59 -9.39 41.98
C GLN A 83 -15.36 -8.52 41.67
N LEU A 84 -15.52 -7.21 41.82
CA LEU A 84 -14.43 -6.28 41.61
C LEU A 84 -13.64 -6.18 42.89
N THR A 85 -12.33 -6.41 42.78
CA THR A 85 -11.44 -6.35 43.93
C THR A 85 -10.70 -5.03 43.84
N SER A 86 -9.85 -4.75 44.82
CA SER A 86 -9.01 -3.55 44.78
CA SER A 86 -9.00 -3.56 44.79
C SER A 86 -8.08 -3.61 43.57
N ILE A 87 -8.05 -2.54 42.79
CA ILE A 87 -7.16 -2.45 41.64
C ILE A 87 -5.89 -1.71 42.10
N SER A 88 -4.80 -2.45 42.29
CA SER A 88 -3.54 -1.83 42.74
C SER A 88 -3.08 -0.72 41.79
N ALA A 89 -2.43 0.31 42.35
CA ALA A 89 -1.92 1.41 41.55
C ALA A 89 -0.92 0.87 40.54
N PRO A 90 -0.95 1.38 39.29
CA PRO A 90 -0.01 0.93 38.26
C PRO A 90 1.39 1.50 38.50
N GLU A 91 2.41 0.82 37.98
CA GLU A 91 3.75 1.39 37.94
C GLU A 91 3.74 2.73 37.18
N HIS A 92 4.53 3.69 37.67
CA HIS A 92 4.62 5.02 37.07
C HIS A 92 6.06 5.40 36.66
N LYS A 93 7.03 4.61 37.13
CA LYS A 93 8.43 4.87 36.89
C LYS A 93 8.85 4.11 35.64
N PHE A 94 9.27 4.86 34.61
CA PHE A 94 9.76 4.23 33.38
C PHE A 94 11.07 4.86 32.92
N GLU A 95 11.86 4.10 32.19
CA GLU A 95 13.20 4.53 31.80
C GLU A 95 13.20 5.23 30.45
N GLY A 96 12.28 4.82 29.56
CA GLY A 96 12.25 5.31 28.20
C GLY A 96 11.24 4.56 27.35
N LEU A 97 11.14 4.95 26.08
CA LEU A 97 10.20 4.35 25.14
C LEU A 97 10.42 2.84 24.94
N THR A 98 11.67 2.45 24.74
CA THR A 98 12.01 1.05 24.58
C THR A 98 11.56 0.22 25.79
N GLN A 99 11.88 0.69 27.00
CA GLN A 99 11.54 -0.06 28.22
C GLN A 99 10.02 -0.16 28.40
N ILE A 100 9.31 0.90 28.08
CA ILE A 100 7.86 0.87 28.13
C ILE A 100 7.31 -0.23 27.22
N PHE A 101 7.78 -0.28 25.98
CA PHE A 101 7.27 -1.29 25.05
C PHE A 101 7.75 -2.70 25.30
N GLN A 102 8.93 -2.84 25.92
N GLN A 102 8.93 -2.82 25.92
CA GLN A 102 9.40 -4.14 26.39
CA GLN A 102 9.43 -4.12 26.40
C GLN A 102 8.49 -4.65 27.51
C GLN A 102 8.54 -4.65 27.53
N LYS A 103 8.18 -3.77 28.45
CA LYS A 103 7.30 -4.10 29.57
C LYS A 103 5.89 -4.42 29.06
N ALA A 104 5.41 -3.62 28.11
CA ALA A 104 4.08 -3.79 27.54
C ALA A 104 3.96 -5.12 26.78
N TYR A 105 4.94 -5.44 25.95
CA TYR A 105 4.93 -6.72 25.22
C TYR A 105 4.90 -7.91 26.18
N GLU A 106 5.76 -7.87 27.21
CA GLU A 106 5.75 -8.90 28.25
C GLU A 106 4.40 -8.97 28.95
N HIS A 107 3.78 -7.82 29.19
CA HIS A 107 2.45 -7.76 29.79
C HIS A 107 1.38 -8.42 28.90
N GLU A 108 1.42 -8.13 27.61
CA GLU A 108 0.49 -8.73 26.65
C GLU A 108 0.66 -10.25 26.54
N GLN A 109 1.90 -10.72 26.64
CA GLN A 109 2.17 -12.16 26.71
C GLN A 109 1.49 -12.79 27.93
N HIS A 110 1.58 -12.12 29.07
CA HIS A 110 0.91 -12.60 30.30
C HIS A 110 -0.62 -12.61 30.13
N ILE A 111 -1.16 -11.56 29.50
CA ILE A 111 -2.59 -11.50 29.24
C ILE A 111 -3.03 -12.64 28.31
N SER A 112 -2.26 -12.88 27.24
CA SER A 112 -2.54 -13.99 26.33
C SER A 112 -2.57 -15.33 27.07
N GLU A 113 -1.56 -15.55 27.91
CA GLU A 113 -1.48 -16.76 28.72
C GLU A 113 -2.69 -16.93 29.64
N SER A 114 -3.11 -15.83 30.28
CA SER A 114 -4.27 -15.88 31.17
C SER A 114 -5.55 -16.28 30.43
N ILE A 115 -5.73 -15.76 29.23
CA ILE A 115 -6.88 -16.12 28.39
C ILE A 115 -6.82 -17.59 27.94
N ASN A 116 -5.64 -18.05 27.53
CA ASN A 116 -5.47 -19.46 27.16
C ASN A 116 -5.86 -20.41 28.28
N ASN A 117 -5.53 -20.03 29.52
CA ASN A 117 -5.93 -20.76 30.72
C ASN A 117 -7.44 -20.86 30.93
N ILE A 118 -8.17 -19.76 30.76
CA ILE A 118 -9.60 -19.80 30.91
C ILE A 118 -10.21 -20.73 29.84
N VAL A 119 -9.70 -20.61 28.61
CA VAL A 119 -10.25 -21.38 27.48
C VAL A 119 -9.96 -22.87 27.71
N ASP A 120 -8.79 -23.18 28.23
CA ASP A 120 -8.44 -24.54 28.55
C ASP A 120 -9.34 -25.11 29.65
N HIS A 121 -9.67 -24.29 30.65
N HIS A 121 -9.67 -24.28 30.63
CA HIS A 121 -10.55 -24.76 31.72
CA HIS A 121 -10.54 -24.70 31.74
C HIS A 121 -11.97 -24.98 31.22
C HIS A 121 -11.99 -24.89 31.30
N ALA A 122 -12.42 -24.11 30.31
CA ALA A 122 -13.73 -24.26 29.68
C ALA A 122 -13.82 -25.62 28.96
N ILE A 123 -12.76 -25.97 28.22
CA ILE A 123 -12.67 -27.28 27.55
C ILE A 123 -12.74 -28.44 28.56
N LYS A 124 -11.93 -28.36 29.61
CA LYS A 124 -11.91 -29.39 30.65
C LYS A 124 -13.25 -29.57 31.37
N SER A 125 -13.96 -28.47 31.61
N SER A 125 -13.96 -28.48 31.63
CA SER A 125 -15.24 -28.47 32.31
CA SER A 125 -15.24 -28.56 32.33
C SER A 125 -16.39 -28.78 31.37
C SER A 125 -16.42 -28.66 31.36
N LYS A 126 -16.12 -28.80 30.07
CA LYS A 126 -17.12 -28.93 29.00
C LYS A 126 -18.10 -27.75 28.93
N ASP A 127 -17.63 -26.56 29.32
CA ASP A 127 -18.43 -25.35 29.25
C ASP A 127 -18.19 -24.71 27.90
N HIS A 128 -18.94 -25.17 26.89
CA HIS A 128 -18.73 -24.70 25.54
C HIS A 128 -19.42 -23.40 25.21
N ALA A 129 -20.40 -23.01 26.02
CA ALA A 129 -20.94 -21.67 25.92
C ALA A 129 -19.83 -20.62 26.20
N THR A 130 -19.03 -20.87 27.24
CA THR A 130 -17.93 -19.96 27.60
C THR A 130 -16.79 -20.04 26.58
N PHE A 131 -16.46 -21.26 26.16
CA PHE A 131 -15.44 -21.47 25.12
C PHE A 131 -15.79 -20.66 23.87
N ASN A 132 -17.02 -20.85 23.38
CA ASN A 132 -17.52 -20.11 22.23
C ASN A 132 -17.54 -18.60 22.47
N PHE A 133 -17.98 -18.19 23.67
CA PHE A 133 -18.02 -16.76 23.99
C PHE A 133 -16.63 -16.12 23.87
N LEU A 134 -15.61 -16.81 24.38
CA LEU A 134 -14.27 -16.25 24.48
C LEU A 134 -13.51 -16.11 23.16
N GLN A 135 -14.08 -16.62 22.06
CA GLN A 135 -13.36 -16.63 20.79
C GLN A 135 -13.00 -15.24 20.24
N TRP A 136 -13.92 -14.27 20.33
CA TRP A 136 -13.60 -12.88 19.92
C TRP A 136 -12.40 -12.38 20.72
N TYR A 137 -12.34 -12.81 21.98
CA TYR A 137 -11.37 -12.30 22.96
C TYR A 137 -9.98 -12.89 22.70
N VAL A 138 -9.93 -14.18 22.41
CA VAL A 138 -8.71 -14.84 21.91
C VAL A 138 -8.18 -14.16 20.63
N ALA A 139 -9.07 -13.93 19.67
CA ALA A 139 -8.71 -13.30 18.40
C ALA A 139 -8.17 -11.86 18.57
N GLU A 140 -8.92 -11.03 19.29
CA GLU A 140 -8.50 -9.64 19.54
C GLU A 140 -7.21 -9.56 20.34
N GLN A 141 -7.08 -10.40 21.38
CA GLN A 141 -5.83 -10.45 22.17
C GLN A 141 -4.61 -10.85 21.32
N HIS A 142 -4.76 -11.86 20.49
CA HIS A 142 -3.68 -12.24 19.57
C HIS A 142 -3.24 -11.07 18.67
N GLU A 143 -4.21 -10.33 18.13
CA GLU A 143 -3.91 -9.16 17.32
C GLU A 143 -3.14 -8.07 18.10
N GLU A 144 -3.50 -7.89 19.37
CA GLU A 144 -2.86 -6.89 20.23
C GLU A 144 -1.44 -7.32 20.59
N GLU A 145 -1.25 -8.60 20.90
CA GLU A 145 0.08 -9.13 21.20
C GLU A 145 1.04 -8.98 20.01
N VAL A 146 0.55 -9.32 18.81
CA VAL A 146 1.31 -9.16 17.57
C VAL A 146 1.67 -7.68 17.36
N LEU A 147 0.70 -6.80 17.59
CA LEU A 147 0.89 -5.35 17.48
C LEU A 147 2.04 -4.85 18.36
N PHE A 148 2.04 -5.24 19.63
CA PHE A 148 3.11 -4.83 20.53
C PHE A 148 4.46 -5.40 20.12
N LYS A 149 4.48 -6.65 19.65
CA LYS A 149 5.68 -7.27 19.11
C LYS A 149 6.23 -6.45 17.94
N ASP A 150 5.34 -6.03 17.03
CA ASP A 150 5.72 -5.26 15.84
C ASP A 150 6.27 -3.88 16.18
N ILE A 151 5.65 -3.20 17.14
CA ILE A 151 6.07 -1.87 17.56
C ILE A 151 7.41 -1.94 18.29
N LEU A 152 7.55 -2.92 19.19
CA LEU A 152 8.82 -3.18 19.84
C LEU A 152 9.93 -3.47 18.82
N ASP A 153 9.66 -4.38 17.87
CA ASP A 153 10.59 -4.64 16.77
C ASP A 153 11.02 -3.36 16.05
N LYS A 154 10.06 -2.48 15.79
CA LYS A 154 10.32 -1.25 15.05
C LYS A 154 11.14 -0.27 15.90
N ILE A 155 10.79 -0.14 17.18
CA ILE A 155 11.54 0.75 18.08
C ILE A 155 13.01 0.33 18.14
N GLU A 156 13.26 -0.98 18.20
CA GLU A 156 14.62 -1.51 18.24
C GLU A 156 15.38 -1.39 16.91
N LEU A 157 14.64 -1.47 15.80
CA LEU A 157 15.22 -1.29 14.46
C LEU A 157 15.66 0.16 14.26
N ILE A 158 14.79 1.09 14.62
CA ILE A 158 15.09 2.51 14.50
C ILE A 158 16.26 2.89 15.43
N GLY A 159 16.15 2.52 16.70
CA GLY A 159 17.13 2.91 17.70
C GLY A 159 16.88 4.32 18.21
N ASN A 160 17.65 4.74 19.22
CA ASN A 160 17.43 6.03 19.88
C ASN A 160 18.51 7.10 19.60
N GLU A 161 19.41 6.82 18.67
CA GLU A 161 20.41 7.79 18.26
C GLU A 161 19.84 8.77 17.23
N ASN A 162 20.45 9.96 17.15
CA ASN A 162 20.25 10.88 16.03
C ASN A 162 18.83 11.01 15.46
N HIS A 163 17.93 11.53 16.31
CA HIS A 163 16.46 11.65 16.07
C HIS A 163 15.65 10.35 15.90
N GLY A 164 16.20 9.23 16.37
CA GLY A 164 15.49 7.95 16.34
C GLY A 164 14.21 7.89 17.16
N LEU A 165 14.23 8.54 18.32
CA LEU A 165 13.05 8.62 19.21
C LEU A 165 11.87 9.29 18.51
N TYR A 166 12.14 10.43 17.86
CA TYR A 166 11.14 11.11 17.03
C TYR A 166 10.61 10.18 15.92
N LEU A 167 11.50 9.49 15.23
CA LEU A 167 11.05 8.59 14.16
C LEU A 167 10.17 7.47 14.69
N ALA A 168 10.58 6.86 15.80
CA ALA A 168 9.79 5.80 16.44
C ALA A 168 8.42 6.30 16.87
N ASP A 169 8.39 7.47 17.47
CA ASP A 169 7.14 8.05 17.97
C ASP A 169 6.17 8.41 16.83
N GLN A 170 6.69 8.98 15.74
CA GLN A 170 5.88 9.23 14.55
C GLN A 170 5.35 7.93 13.93
N TYR A 171 6.18 6.89 13.98
CA TYR A 171 5.76 5.59 13.49
C TYR A 171 4.55 5.09 14.28
N VAL A 172 4.66 5.19 15.60
CA VAL A 172 3.58 4.78 16.50
C VAL A 172 2.35 5.69 16.34
N LYS A 173 2.58 7.00 16.17
CA LYS A 173 1.50 7.95 15.90
C LYS A 173 0.66 7.51 14.69
N GLY A 174 1.33 7.14 13.60
CA GLY A 174 0.69 6.61 12.40
C GLY A 174 -0.17 5.37 12.64
N ILE A 175 0.34 4.45 13.46
CA ILE A 175 -0.42 3.25 13.83
C ILE A 175 -1.68 3.64 14.65
N ALA A 176 -1.49 4.50 15.65
CA ALA A 176 -2.59 4.94 16.50
C ALA A 176 -3.73 5.53 15.67
N LYS A 177 -3.37 6.43 14.75
CA LYS A 177 -4.35 7.11 13.91
C LYS A 177 -5.06 6.16 12.93
N SER A 178 -4.32 5.21 12.37
CA SER A 178 -4.90 4.25 11.44
C SER A 178 -5.90 3.28 12.12
N ARG A 179 -5.74 3.09 13.43
CA ARG A 179 -6.56 2.15 14.17
C ARG A 179 -7.88 2.75 14.67
N LYS A 180 -8.00 4.07 14.64
CA LYS A 180 -9.23 4.76 15.08
C LYS A 180 -10.00 5.35 13.90
N HIS B 9 0.38 34.53 -54.61
CA HIS B 9 -0.56 35.27 -53.71
C HIS B 9 0.21 36.05 -52.64
N HIS B 10 -0.33 37.22 -52.28
CA HIS B 10 0.29 38.11 -51.32
C HIS B 10 -0.18 37.81 -49.89
N SER B 11 0.78 37.60 -48.99
CA SER B 11 0.53 37.41 -47.55
C SER B 11 1.00 38.65 -46.77
N GLN B 12 0.28 38.99 -45.68
CA GLN B 12 0.62 40.22 -44.94
C GLN B 12 2.01 40.12 -44.31
N ASP B 13 2.70 41.27 -44.28
CA ASP B 13 4.01 41.40 -43.65
C ASP B 13 3.95 41.01 -42.18
N PRO B 14 5.10 40.62 -41.60
CA PRO B 14 5.18 40.44 -40.15
C PRO B 14 4.57 41.64 -39.39
N MET B 15 3.86 41.34 -38.31
CA MET B 15 3.13 42.36 -37.56
C MET B 15 3.97 42.94 -36.43
N LEU B 16 5.15 42.40 -36.21
CA LEU B 16 6.05 42.86 -35.14
C LEU B 16 7.27 43.53 -35.74
N SER B 17 7.94 44.36 -34.95
CA SER B 17 9.15 45.06 -35.39
C SER B 17 10.35 44.12 -35.42
N LYS B 18 11.39 44.51 -36.19
CA LYS B 18 12.60 43.72 -36.36
C LYS B 18 13.29 43.35 -35.05
N ASP B 19 13.38 44.32 -34.13
CA ASP B 19 14.02 44.09 -32.83
C ASP B 19 13.24 43.11 -31.95
N ILE B 20 11.92 43.26 -31.92
CA ILE B 20 11.06 42.36 -31.16
C ILE B 20 11.09 40.92 -31.72
N ILE B 21 11.10 40.81 -33.05
CA ILE B 21 11.21 39.52 -33.75
C ILE B 21 12.52 38.82 -33.38
N LYS B 22 13.64 39.55 -33.46
CA LYS B 22 14.93 38.98 -33.12
C LYS B 22 14.94 38.42 -31.70
N LEU B 23 14.44 39.22 -30.75
CA LEU B 23 14.41 38.86 -29.32
C LEU B 23 13.51 37.67 -29.02
N LEU B 24 12.38 37.59 -29.71
CA LEU B 24 11.46 36.46 -29.53
C LEU B 24 12.01 35.18 -30.14
N ASN B 25 12.59 35.28 -31.32
CA ASN B 25 13.26 34.13 -31.94
C ASN B 25 14.44 33.62 -31.12
N GLU B 26 15.23 34.53 -30.55
CA GLU B 26 16.33 34.15 -29.65
C GLU B 26 15.79 33.44 -28.41
N GLN B 27 14.64 33.90 -27.91
CA GLN B 27 14.01 33.33 -26.74
C GLN B 27 13.50 31.92 -26.97
N VAL B 28 12.91 31.69 -28.15
CA VAL B 28 12.45 30.34 -28.53
C VAL B 28 13.62 29.38 -28.47
N ASN B 29 14.73 29.78 -29.08
CA ASN B 29 15.90 28.93 -29.15
C ASN B 29 16.57 28.75 -27.77
N LYS B 30 16.51 29.79 -26.95
CA LYS B 30 16.98 29.76 -25.58
C LYS B 30 16.22 28.72 -24.74
N GLU B 31 14.90 28.70 -24.87
CA GLU B 31 14.05 27.72 -24.18
C GLU B 31 14.31 26.28 -24.66
N MET B 32 14.57 26.13 -25.95
CA MET B 32 14.87 24.80 -26.50
C MET B 32 16.21 24.29 -25.99
N ASN B 33 17.23 25.16 -25.96
CA ASN B 33 18.52 24.83 -25.37
C ASN B 33 18.38 24.45 -23.90
N SER B 34 17.58 25.24 -23.19
CA SER B 34 17.33 25.05 -21.76
C SER B 34 16.64 23.72 -21.48
N SER B 35 15.61 23.42 -22.28
CA SER B 35 14.89 22.16 -22.17
C SER B 35 15.82 20.94 -22.30
N ASN B 36 16.71 20.96 -23.29
CA ASN B 36 17.68 19.87 -23.43
C ASN B 36 18.73 19.78 -22.30
N LEU B 37 19.11 20.94 -21.74
CA LEU B 37 19.97 20.93 -20.55
C LEU B 37 19.28 20.21 -19.38
N TYR B 38 18.01 20.55 -19.17
CA TYR B 38 17.23 19.92 -18.11
C TYR B 38 17.04 18.43 -18.33
N MET B 39 16.89 18.01 -19.59
CA MET B 39 16.86 16.58 -19.93
C MET B 39 18.18 15.91 -19.55
N SER B 40 19.30 16.59 -19.82
CA SER B 40 20.61 16.08 -19.46
C SER B 40 20.79 15.97 -17.95
N MET B 41 20.43 17.04 -17.23
CA MET B 41 20.41 17.05 -15.76
C MET B 41 19.51 15.95 -15.18
N SER B 42 18.29 15.83 -15.69
CA SER B 42 17.38 14.76 -15.30
C SER B 42 17.99 13.37 -15.45
N SER B 43 18.57 13.08 -16.62
CA SER B 43 19.21 11.80 -16.88
C SER B 43 20.34 11.49 -15.90
N TRP B 44 21.16 12.50 -15.59
CA TRP B 44 22.22 12.34 -14.59
C TRP B 44 21.63 11.87 -13.28
N CYS B 45 20.53 12.51 -12.86
CA CYS B 45 19.86 12.13 -11.63
C CYS B 45 19.33 10.70 -11.68
N TYR B 46 18.61 10.36 -12.74
CA TYR B 46 18.08 9.00 -12.93
C TYR B 46 19.15 7.91 -12.92
N THR B 47 20.34 8.22 -13.44
CA THR B 47 21.43 7.24 -13.50
C THR B 47 22.31 7.24 -12.24
N HIS B 48 22.00 8.12 -11.29
CA HIS B 48 22.69 8.18 -9.99
C HIS B 48 21.73 8.00 -8.83
N SER B 49 20.68 7.20 -9.04
CA SER B 49 19.69 6.81 -8.03
C SER B 49 18.82 7.94 -7.50
N LEU B 50 18.77 9.05 -8.22
CA LEU B 50 18.01 10.20 -7.78
C LEU B 50 16.78 10.39 -8.68
N ASP B 51 15.83 9.46 -8.57
CA ASP B 51 14.67 9.49 -9.46
C ASP B 51 13.66 10.58 -9.14
N GLY B 52 13.70 11.10 -7.91
CA GLY B 52 12.89 12.25 -7.51
C GLY B 52 13.30 13.51 -8.27
N ALA B 53 14.59 13.84 -8.18
CA ALA B 53 15.13 14.94 -8.98
C ALA B 53 15.06 14.61 -10.48
N GLY B 54 15.26 13.34 -10.82
CA GLY B 54 15.15 12.90 -12.22
C GLY B 54 13.79 13.29 -12.80
N LEU B 55 12.72 12.97 -12.06
CA LEU B 55 11.35 13.27 -12.46
C LEU B 55 11.05 14.77 -12.49
N PHE B 56 11.43 15.46 -11.42
CA PHE B 56 11.24 16.88 -11.33
C PHE B 56 11.85 17.59 -12.55
N LEU B 57 13.11 17.25 -12.84
CA LEU B 57 13.85 17.90 -13.93
C LEU B 57 13.36 17.51 -15.34
N PHE B 58 12.89 16.28 -15.49
CA PHE B 58 12.27 15.85 -16.75
C PHE B 58 11.00 16.67 -16.99
N ASP B 59 10.12 16.71 -15.98
CA ASP B 59 8.89 17.49 -16.09
C ASP B 59 9.18 18.97 -16.32
N HIS B 60 10.23 19.49 -15.67
CA HIS B 60 10.60 20.89 -15.90
C HIS B 60 11.10 21.11 -17.34
N ALA B 61 11.92 20.19 -17.85
CA ALA B 61 12.36 20.25 -19.25
C ALA B 61 11.18 20.31 -20.22
N ALA B 62 10.18 19.46 -19.99
CA ALA B 62 8.97 19.41 -20.84
C ALA B 62 8.23 20.75 -20.81
N GLU B 63 8.20 21.36 -19.63
CA GLU B 63 7.54 22.65 -19.44
C GLU B 63 8.29 23.79 -20.16
N GLU B 64 9.62 23.78 -20.13
CA GLU B 64 10.37 24.80 -20.87
C GLU B 64 10.10 24.71 -22.38
N TYR B 65 10.00 23.49 -22.90
CA TYR B 65 9.60 23.28 -24.28
C TYR B 65 8.17 23.80 -24.55
N GLU B 66 7.26 23.62 -23.60
CA GLU B 66 5.90 24.20 -23.71
C GLU B 66 5.96 25.73 -23.85
N HIS B 67 6.89 26.38 -23.14
CA HIS B 67 7.10 27.83 -23.28
C HIS B 67 7.56 28.19 -24.69
N ALA B 68 8.52 27.42 -25.21
CA ALA B 68 9.01 27.63 -26.58
C ALA B 68 7.88 27.53 -27.60
N LYS B 69 7.00 26.54 -27.44
CA LYS B 69 5.82 26.38 -28.31
C LYS B 69 4.86 27.57 -28.25
N LYS B 70 4.60 28.07 -27.04
CA LYS B 70 3.71 29.22 -26.87
C LYS B 70 4.25 30.49 -27.55
N LEU B 71 5.57 30.66 -27.53
CA LEU B 71 6.22 31.76 -28.23
C LEU B 71 6.14 31.58 -29.75
N ILE B 72 6.28 30.33 -30.20
CA ILE B 72 6.13 30.00 -31.62
C ILE B 72 4.73 30.36 -32.09
N ILE B 73 3.71 29.99 -31.31
CA ILE B 73 2.33 30.34 -31.62
C ILE B 73 2.17 31.87 -31.78
N PHE B 74 2.75 32.64 -30.86
CA PHE B 74 2.64 34.10 -30.95
C PHE B 74 3.28 34.63 -32.24
N LEU B 75 4.41 34.03 -32.63
CA LEU B 75 5.11 34.43 -33.85
C LEU B 75 4.30 34.08 -35.11
N ASN B 76 3.80 32.86 -35.15
CA ASN B 76 2.89 32.41 -36.21
C ASN B 76 1.71 33.35 -36.42
N GLU B 77 1.02 33.68 -35.32
CA GLU B 77 -0.18 34.54 -35.39
C GLU B 77 0.12 35.97 -35.87
N ASN B 78 1.34 36.45 -35.64
CA ASN B 78 1.78 37.76 -36.13
C ASN B 78 2.45 37.71 -37.51
N ASN B 79 2.32 36.58 -38.21
CA ASN B 79 2.96 36.38 -39.51
C ASN B 79 4.49 36.59 -39.47
N VAL B 80 5.11 36.12 -38.40
CA VAL B 80 6.55 36.30 -38.23
C VAL B 80 7.23 34.93 -38.46
N PRO B 81 8.13 34.84 -39.45
CA PRO B 81 8.84 33.57 -39.65
C PRO B 81 9.66 33.19 -38.42
N VAL B 82 9.49 31.95 -37.97
CA VAL B 82 10.25 31.42 -36.84
C VAL B 82 11.67 31.07 -37.36
N GLN B 83 12.71 31.57 -36.70
CA GLN B 83 14.10 31.22 -37.07
C GLN B 83 14.63 30.16 -36.09
N LEU B 84 14.55 28.91 -36.51
CA LEU B 84 14.99 27.78 -35.68
C LEU B 84 16.44 27.42 -36.00
N THR B 85 17.30 27.56 -35.00
CA THR B 85 18.72 27.36 -35.17
C THR B 85 19.06 25.97 -34.66
N SER B 86 20.33 25.59 -34.76
CA SER B 86 20.81 24.34 -34.18
CA SER B 86 20.80 24.36 -34.18
C SER B 86 20.76 24.45 -32.66
N ILE B 87 20.25 23.41 -32.01
CA ILE B 87 20.15 23.42 -30.54
C ILE B 87 21.45 22.84 -29.98
N SER B 88 22.04 23.53 -29.01
CA SER B 88 23.33 23.12 -28.42
C SER B 88 23.25 21.77 -27.75
N ALA B 89 24.33 21.00 -27.88
CA ALA B 89 24.50 19.80 -27.07
C ALA B 89 24.66 20.27 -25.63
N PRO B 90 23.81 19.77 -24.71
CA PRO B 90 23.93 20.22 -23.33
C PRO B 90 25.13 19.58 -22.65
N GLU B 91 25.60 20.20 -21.57
CA GLU B 91 26.51 19.57 -20.62
C GLU B 91 25.94 18.21 -20.17
N HIS B 92 26.78 17.18 -20.19
CA HIS B 92 26.40 15.82 -19.73
C HIS B 92 27.00 15.45 -18.36
N LYS B 93 28.05 16.16 -17.96
CA LYS B 93 28.77 15.81 -16.73
C LYS B 93 28.40 16.76 -15.59
N PHE B 94 28.02 16.17 -14.45
CA PHE B 94 27.66 16.94 -13.26
C PHE B 94 28.33 16.34 -12.04
N GLU B 95 28.45 17.12 -10.97
CA GLU B 95 29.16 16.66 -9.77
C GLU B 95 28.25 15.98 -8.77
N GLY B 96 27.01 16.44 -8.68
CA GLY B 96 26.05 15.92 -7.72
C GLY B 96 24.77 16.74 -7.71
N LEU B 97 23.82 16.33 -6.86
CA LEU B 97 22.51 16.99 -6.74
C LEU B 97 22.60 18.47 -6.41
N THR B 98 23.41 18.84 -5.41
CA THR B 98 23.60 20.25 -5.03
C THR B 98 24.11 21.06 -6.20
N GLN B 99 25.16 20.57 -6.87
CA GLN B 99 25.75 21.26 -8.02
C GLN B 99 24.74 21.44 -9.15
N ILE B 100 23.96 20.40 -9.44
CA ILE B 100 22.93 20.50 -10.48
C ILE B 100 21.95 21.66 -10.14
N PHE B 101 21.48 21.72 -8.90
CA PHE B 101 20.49 22.75 -8.52
C PHE B 101 21.05 24.16 -8.34
N GLN B 102 22.34 24.26 -7.99
CA GLN B 102 23.04 25.54 -8.00
C GLN B 102 23.15 26.04 -9.43
N LYS B 103 23.53 25.14 -10.34
CA LYS B 103 23.62 25.46 -11.77
C LYS B 103 22.25 25.86 -12.33
N ALA B 104 21.22 25.07 -11.98
CA ALA B 104 19.85 25.29 -12.45
C ALA B 104 19.27 26.61 -11.96
N TYR B 105 19.44 26.90 -10.68
CA TYR B 105 18.99 28.18 -10.12
C TYR B 105 19.66 29.38 -10.81
N GLU B 106 20.99 29.32 -10.99
CA GLU B 106 21.71 30.34 -11.76
C GLU B 106 21.17 30.46 -13.20
N HIS B 107 20.90 29.32 -13.82
CA HIS B 107 20.32 29.30 -15.16
C HIS B 107 18.96 30.02 -15.20
N GLU B 108 18.10 29.70 -14.23
CA GLU B 108 16.76 30.29 -14.13
C GLU B 108 16.79 31.79 -13.91
N GLN B 109 17.77 32.28 -13.14
CA GLN B 109 18.01 33.71 -12.99
C GLN B 109 18.32 34.37 -14.35
N HIS B 110 19.18 33.73 -15.13
CA HIS B 110 19.49 34.20 -16.47
C HIS B 110 18.26 34.21 -17.39
N ILE B 111 17.40 33.18 -17.25
CA ILE B 111 16.17 33.12 -18.05
C ILE B 111 15.23 34.28 -17.68
N SER B 112 15.05 34.52 -16.38
CA SER B 112 14.22 35.63 -15.90
C SER B 112 14.68 36.96 -16.45
N GLU B 113 16.00 37.17 -16.42
CA GLU B 113 16.64 38.36 -16.97
C GLU B 113 16.37 38.53 -18.46
N SER B 114 16.44 37.43 -19.22
CA SER B 114 16.18 37.47 -20.66
C SER B 114 14.75 37.89 -20.95
N ILE B 115 13.79 37.41 -20.15
CA ILE B 115 12.38 37.79 -20.28
C ILE B 115 12.14 39.28 -19.94
N ASN B 116 12.74 39.75 -18.84
CA ASN B 116 12.66 41.17 -18.44
C ASN B 116 13.14 42.10 -19.56
N ASN B 117 14.25 41.73 -20.17
CA ASN B 117 14.78 42.42 -21.33
C ASN B 117 13.77 42.55 -22.49
N ILE B 118 13.06 41.48 -22.82
CA ILE B 118 12.07 41.56 -23.92
C ILE B 118 10.91 42.47 -23.52
N VAL B 119 10.42 42.29 -22.30
CA VAL B 119 9.31 43.08 -21.78
C VAL B 119 9.70 44.56 -21.74
N ASP B 120 10.93 44.83 -21.34
CA ASP B 120 11.47 46.17 -21.33
C ASP B 120 11.43 46.74 -22.75
N HIS B 121 11.90 45.94 -23.70
CA HIS B 121 11.97 46.37 -25.10
C HIS B 121 10.59 46.62 -25.70
N ALA B 122 9.61 45.79 -25.34
CA ALA B 122 8.22 46.01 -25.72
C ALA B 122 7.69 47.38 -25.23
N ILE B 123 8.02 47.74 -23.98
CA ILE B 123 7.61 49.05 -23.42
C ILE B 123 8.26 50.19 -24.20
N LYS B 124 9.56 50.10 -24.43
CA LYS B 124 10.33 51.13 -25.12
C LYS B 124 9.85 51.42 -26.55
N SER B 125 9.46 50.37 -27.28
CA SER B 125 9.01 50.54 -28.66
C SER B 125 7.49 50.65 -28.76
N LYS B 126 6.82 50.70 -27.61
CA LYS B 126 5.35 50.86 -27.50
C LYS B 126 4.58 49.68 -28.08
N ASP B 127 5.17 48.48 -27.98
CA ASP B 127 4.55 47.26 -28.46
C ASP B 127 3.82 46.61 -27.28
N HIS B 128 2.60 47.07 -27.03
CA HIS B 128 1.85 46.62 -25.86
C HIS B 128 1.05 45.36 -26.07
N ALA B 129 0.80 45.00 -27.33
CA ALA B 129 0.32 43.66 -27.63
C ALA B 129 1.34 42.63 -27.13
N THR B 130 2.62 42.87 -27.40
CA THR B 130 3.70 41.95 -26.99
C THR B 130 3.88 42.03 -25.46
N PHE B 131 3.88 43.22 -24.89
CA PHE B 131 3.90 43.38 -23.43
C PHE B 131 2.79 42.57 -22.79
N ASN B 132 1.55 42.79 -23.24
CA ASN B 132 0.40 42.08 -22.72
C ASN B 132 0.56 40.57 -22.89
N PHE B 133 1.02 40.13 -24.06
CA PHE B 133 1.19 38.70 -24.33
C PHE B 133 2.17 38.01 -23.37
N LEU B 134 3.26 38.70 -23.05
CA LEU B 134 4.36 38.10 -22.29
C LEU B 134 4.05 37.91 -20.80
N GLN B 135 2.94 38.47 -20.34
CA GLN B 135 2.61 38.47 -18.91
C GLN B 135 2.44 37.08 -18.27
N TRP B 136 1.82 36.14 -18.99
CA TRP B 136 1.72 34.76 -18.48
C TRP B 136 3.15 34.20 -18.27
N TYR B 137 4.07 34.64 -19.13
CA TYR B 137 5.44 34.11 -19.21
C TYR B 137 6.31 34.70 -18.09
N VAL B 138 6.11 35.98 -17.81
CA VAL B 138 6.73 36.65 -16.67
C VAL B 138 6.29 35.98 -15.36
N ALA B 139 4.99 35.74 -15.22
CA ALA B 139 4.42 35.16 -14.01
C ALA B 139 4.89 33.72 -13.78
N GLU B 140 4.84 32.90 -14.84
CA GLU B 140 5.24 31.49 -14.75
C GLU B 140 6.74 31.33 -14.49
N GLN B 141 7.55 32.14 -15.18
CA GLN B 141 9.00 32.14 -14.94
C GLN B 141 9.35 32.56 -13.52
N HIS B 142 8.63 33.55 -12.99
CA HIS B 142 8.83 33.96 -11.60
C HIS B 142 8.59 32.80 -10.64
N GLU B 143 7.48 32.08 -10.86
N GLU B 143 7.48 32.08 -10.84
CA GLU B 143 7.15 30.91 -10.04
CA GLU B 143 7.16 30.89 -10.03
C GLU B 143 8.23 29.82 -10.16
C GLU B 143 8.26 29.83 -10.15
N GLU B 144 8.75 29.62 -11.37
CA GLU B 144 9.82 28.64 -11.62
C GLU B 144 11.12 29.01 -10.91
N GLU B 145 11.50 30.30 -10.97
CA GLU B 145 12.73 30.76 -10.33
C GLU B 145 12.66 30.65 -8.79
N VAL B 146 11.53 31.05 -8.22
CA VAL B 146 11.26 30.89 -6.78
C VAL B 146 11.31 29.41 -6.39
N LEU B 147 10.78 28.54 -7.24
CA LEU B 147 10.77 27.10 -7.01
C LEU B 147 12.18 26.53 -6.93
N PHE B 148 13.04 26.92 -7.86
CA PHE B 148 14.44 26.48 -7.86
C PHE B 148 15.23 27.03 -6.67
N LYS B 149 14.90 28.27 -6.26
CA LYS B 149 15.45 28.84 -5.04
C LYS B 149 15.07 27.98 -3.83
N ASP B 150 13.78 27.64 -3.74
CA ASP B 150 13.25 26.85 -2.63
C ASP B 150 13.87 25.46 -2.53
N ILE B 151 14.07 24.83 -3.68
CA ILE B 151 14.63 23.48 -3.72
C ILE B 151 16.11 23.49 -3.37
N LEU B 152 16.84 24.48 -3.89
CA LEU B 152 18.23 24.67 -3.53
C LEU B 152 18.38 24.94 -2.02
N ASP B 153 17.60 25.89 -1.48
CA ASP B 153 17.55 26.14 -0.02
C ASP B 153 17.38 24.83 0.75
N LYS B 154 16.42 24.02 0.31
CA LYS B 154 16.09 22.76 0.97
C LYS B 154 17.22 21.74 0.89
N ILE B 155 17.78 21.57 -0.31
CA ILE B 155 18.97 20.72 -0.50
C ILE B 155 20.10 21.14 0.44
N GLU B 156 20.35 22.45 0.52
CA GLU B 156 21.40 22.99 1.39
C GLU B 156 21.06 22.84 2.90
N LEU B 157 19.78 22.94 3.25
CA LEU B 157 19.35 22.72 4.63
C LEU B 157 19.58 21.27 5.05
N ILE B 158 19.16 20.33 4.21
CA ILE B 158 19.24 18.91 4.51
C ILE B 158 20.70 18.46 4.61
N GLY B 159 21.50 18.85 3.62
CA GLY B 159 22.90 18.42 3.55
C GLY B 159 23.01 17.03 2.96
N ASN B 160 24.23 16.61 2.65
CA ASN B 160 24.46 15.36 1.92
C ASN B 160 24.82 14.18 2.83
N GLU B 161 25.14 14.36 4.11
CA GLU B 161 25.64 13.31 5.04
C GLU B 161 24.71 12.11 5.50
N ASN B 162 25.21 10.90 5.96
CA ASN B 162 24.28 9.82 6.01
C ASN B 162 23.39 9.73 4.78
N HIS B 163 22.01 9.90 5.12
CA HIS B 163 20.96 9.70 4.12
C HIS B 163 20.31 11.00 3.73
N GLY B 164 21.07 12.09 3.84
CA GLY B 164 20.62 13.41 3.41
C GLY B 164 20.23 13.45 1.93
N LEU B 165 21.02 12.81 1.07
CA LEU B 165 20.72 12.77 -0.37
C LEU B 165 19.36 12.12 -0.66
N TYR B 166 19.11 11.00 0.02
CA TYR B 166 17.81 10.33 -0.06
C TYR B 166 16.67 11.26 0.38
N LEU B 167 16.85 11.93 1.51
CA LEU B 167 15.82 12.85 2.01
C LEU B 167 15.55 14.01 1.06
N ALA B 168 16.62 14.58 0.51
CA ALA B 168 16.52 15.67 -0.46
C ALA B 168 15.79 15.20 -1.73
N ASP B 169 16.14 14.00 -2.19
CA ASP B 169 15.54 13.46 -3.41
C ASP B 169 14.06 13.16 -3.24
N GLN B 170 13.69 12.64 -2.06
CA GLN B 170 12.31 12.39 -1.71
C GLN B 170 11.51 13.68 -1.61
N TYR B 171 12.14 14.72 -1.06
CA TYR B 171 11.52 16.05 -1.01
C TYR B 171 11.20 16.55 -2.42
N VAL B 172 12.18 16.46 -3.31
CA VAL B 172 12.00 16.89 -4.71
C VAL B 172 10.95 16.02 -5.41
N LYS B 173 10.94 14.72 -5.11
CA LYS B 173 9.91 13.81 -5.61
C LYS B 173 8.50 14.27 -5.25
N GLY B 174 8.30 14.61 -3.97
CA GLY B 174 7.03 15.19 -3.51
C GLY B 174 6.58 16.42 -4.28
N ILE B 175 7.52 17.32 -4.56
CA ILE B 175 7.21 18.52 -5.35
C ILE B 175 6.77 18.17 -6.78
N ALA B 176 7.51 17.27 -7.42
CA ALA B 176 7.23 16.87 -8.79
C ALA B 176 5.83 16.28 -8.90
N LYS B 177 5.48 15.39 -7.97
CA LYS B 177 4.15 14.75 -7.98
C LYS B 177 3.04 15.74 -7.67
N SER B 178 3.29 16.71 -6.80
CA SER B 178 2.29 17.70 -6.41
C SER B 178 1.97 18.66 -7.56
N ARG B 179 2.92 18.87 -8.45
CA ARG B 179 2.75 19.77 -9.59
C ARG B 179 2.12 19.08 -10.79
N LYS B 180 2.02 17.75 -10.72
CA LYS B 180 1.29 16.96 -11.69
C LYS B 180 -0.20 16.86 -11.28
N HIS C 9 20.60 -5.25 15.28
CA HIS C 9 19.32 -4.95 16.00
C HIS C 9 18.60 -6.23 16.43
N HIS C 10 17.92 -6.18 17.56
CA HIS C 10 17.20 -7.34 18.10
C HIS C 10 15.75 -7.43 17.62
N SER C 11 15.40 -8.58 17.05
CA SER C 11 14.03 -8.93 16.68
C SER C 11 13.48 -9.94 17.68
N GLN C 12 12.18 -9.84 17.98
CA GLN C 12 11.53 -10.74 18.93
C GLN C 12 11.52 -12.20 18.47
N ASP C 13 11.65 -13.11 19.44
CA ASP C 13 11.63 -14.56 19.19
C ASP C 13 10.32 -14.98 18.53
N PRO C 14 10.31 -16.16 17.89
CA PRO C 14 9.04 -16.69 17.39
C PRO C 14 8.01 -16.74 18.52
N MET C 15 6.76 -16.42 18.20
CA MET C 15 5.70 -16.34 19.21
C MET C 15 4.95 -17.66 19.41
N LEU C 16 5.30 -18.68 18.61
CA LEU C 16 4.66 -19.98 18.74
C LEU C 16 5.66 -21.01 19.23
N SER C 17 5.14 -22.09 19.82
CA SER C 17 5.97 -23.20 20.32
C SER C 17 6.59 -23.98 19.17
N LYS C 18 7.70 -24.66 19.48
CA LYS C 18 8.45 -25.46 18.51
C LYS C 18 7.62 -26.52 17.79
N ASP C 19 6.76 -27.22 18.53
CA ASP C 19 5.91 -28.25 17.95
C ASP C 19 4.87 -27.67 16.99
N ILE C 20 4.22 -26.58 17.38
CA ILE C 20 3.26 -25.88 16.52
C ILE C 20 3.96 -25.33 15.25
N ILE C 21 5.13 -24.76 15.44
CA ILE C 21 5.97 -24.28 14.33
C ILE C 21 6.24 -25.39 13.31
N LYS C 22 6.61 -26.57 13.80
CA LYS C 22 6.92 -27.70 12.94
C LYS C 22 5.68 -28.17 12.19
N LEU C 23 4.56 -28.30 12.90
CA LEU C 23 3.31 -28.72 12.27
C LEU C 23 2.81 -27.72 11.23
N LEU C 24 2.95 -26.43 11.51
CA LEU C 24 2.47 -25.41 10.58
C LEU C 24 3.33 -25.34 9.32
N ASN C 25 4.65 -25.40 9.49
CA ASN C 25 5.56 -25.46 8.34
C ASN C 25 5.37 -26.71 7.47
N GLU C 26 5.14 -27.84 8.11
CA GLU C 26 4.80 -29.05 7.39
C GLU C 26 3.51 -28.85 6.57
N GLN C 27 2.53 -28.17 7.16
CA GLN C 27 1.25 -27.92 6.48
C GLN C 27 1.39 -26.99 5.27
N VAL C 28 2.27 -25.99 5.38
CA VAL C 28 2.54 -25.09 4.27
C VAL C 28 3.06 -25.91 3.10
N ASN C 29 4.04 -26.76 3.39
CA ASN C 29 4.63 -27.65 2.41
C ASN C 29 3.64 -28.66 1.83
N LYS C 30 2.77 -29.19 2.67
CA LYS C 30 1.67 -30.06 2.21
C LYS C 30 0.76 -29.37 1.19
N GLU C 31 0.43 -28.10 1.44
CA GLU C 31 -0.45 -27.35 0.55
C GLU C 31 0.22 -27.05 -0.78
N MET C 32 1.52 -26.72 -0.73
N MET C 32 1.52 -26.73 -0.75
CA MET C 32 2.32 -26.49 -1.94
CA MET C 32 2.27 -26.48 -1.99
C MET C 32 2.36 -27.74 -2.81
C MET C 32 2.36 -27.74 -2.84
N ASN C 33 2.56 -28.89 -2.18
CA ASN C 33 2.59 -30.16 -2.89
C ASN C 33 1.22 -30.55 -3.44
N SER C 34 0.17 -30.21 -2.69
CA SER C 34 -1.22 -30.40 -3.14
CA SER C 34 -1.22 -30.40 -3.14
C SER C 34 -1.49 -29.59 -4.41
N SER C 35 -1.07 -28.32 -4.42
CA SER C 35 -1.20 -27.47 -5.61
C SER C 35 -0.56 -28.14 -6.85
N ASN C 36 0.66 -28.68 -6.68
CA ASN C 36 1.36 -29.39 -7.75
C ASN C 36 0.61 -30.61 -8.26
N LEU C 37 0.14 -31.45 -7.32
CA LEU C 37 -0.64 -32.65 -7.65
C LEU C 37 -1.88 -32.31 -8.47
N TYR C 38 -2.62 -31.31 -8.01
CA TYR C 38 -3.83 -30.88 -8.70
C TYR C 38 -3.57 -30.26 -10.07
N MET C 39 -2.50 -29.49 -10.21
CA MET C 39 -2.07 -29.01 -11.55
C MET C 39 -1.79 -30.16 -12.51
N SER C 40 -1.14 -31.21 -11.98
CA SER C 40 -0.82 -32.40 -12.76
C SER C 40 -2.07 -33.19 -13.14
N MET C 41 -2.98 -33.40 -12.18
CA MET C 41 -4.26 -34.03 -12.44
C MET C 41 -5.08 -33.23 -13.45
N SER C 42 -5.07 -31.91 -13.29
CA SER C 42 -5.77 -31.00 -14.20
C SER C 42 -5.26 -31.17 -15.64
N SER C 43 -3.93 -31.17 -15.78
CA SER C 43 -3.28 -31.33 -17.09
C SER C 43 -3.65 -32.66 -17.76
N TRP C 44 -3.64 -33.73 -16.98
CA TRP C 44 -4.09 -35.02 -17.50
C TRP C 44 -5.48 -34.89 -18.12
N CYS C 45 -6.41 -34.26 -17.40
CA CYS C 45 -7.78 -34.11 -17.90
C CYS C 45 -7.84 -33.24 -19.16
N TYR C 46 -7.15 -32.10 -19.16
CA TYR C 46 -7.11 -31.23 -20.33
C TYR C 46 -6.56 -31.92 -21.57
N THR C 47 -5.60 -32.83 -21.38
CA THR C 47 -4.96 -33.54 -22.49
C THR C 47 -5.72 -34.82 -22.88
N HIS C 48 -6.79 -35.15 -22.14
CA HIS C 48 -7.65 -36.29 -22.46
C HIS C 48 -9.09 -35.90 -22.71
N SER C 49 -9.29 -34.68 -23.21
CA SER C 49 -10.58 -34.14 -23.64
C SER C 49 -11.56 -33.82 -22.50
N LEU C 50 -11.05 -33.76 -21.27
CA LEU C 50 -11.88 -33.51 -20.08
C LEU C 50 -11.58 -32.11 -19.51
N ASP C 51 -12.01 -31.09 -20.26
CA ASP C 51 -11.70 -29.71 -19.90
C ASP C 51 -12.55 -29.19 -18.73
N GLY C 52 -13.67 -29.85 -18.45
CA GLY C 52 -14.47 -29.58 -17.27
C GLY C 52 -13.73 -29.92 -15.99
N ALA C 53 -13.26 -31.17 -15.90
CA ALA C 53 -12.42 -31.60 -14.77
C ALA C 53 -11.07 -30.89 -14.80
N GLY C 54 -10.55 -30.66 -16.00
CA GLY C 54 -9.33 -29.85 -16.16
C GLY C 54 -9.46 -28.50 -15.45
N LEU C 55 -10.53 -27.77 -15.73
CA LEU C 55 -10.78 -26.45 -15.13
C LEU C 55 -10.99 -26.53 -13.62
N PHE C 56 -11.86 -27.44 -13.19
CA PHE C 56 -12.13 -27.65 -11.78
C PHE C 56 -10.84 -27.88 -10.98
N LEU C 57 -9.99 -28.77 -11.49
CA LEU C 57 -8.79 -29.18 -10.77
C LEU C 57 -7.71 -28.08 -10.80
N PHE C 58 -7.64 -27.34 -11.91
CA PHE C 58 -6.75 -26.18 -12.01
C PHE C 58 -7.15 -25.15 -10.94
N ASP C 59 -8.43 -24.78 -10.90
CA ASP C 59 -8.92 -23.82 -9.91
C ASP C 59 -8.73 -24.33 -8.48
N HIS C 60 -8.85 -25.64 -8.29
CA HIS C 60 -8.64 -26.20 -6.96
C HIS C 60 -7.17 -26.15 -6.54
N ALA C 61 -6.27 -26.45 -7.47
CA ALA C 61 -4.81 -26.30 -7.24
C ALA C 61 -4.48 -24.90 -6.77
N ALA C 62 -5.04 -23.91 -7.46
CA ALA C 62 -4.82 -22.50 -7.15
C ALA C 62 -5.30 -22.15 -5.75
N GLU C 63 -6.41 -22.75 -5.34
CA GLU C 63 -6.96 -22.52 -4.01
C GLU C 63 -6.12 -23.16 -2.89
N GLU C 64 -5.46 -24.29 -3.19
CA GLU C 64 -4.53 -24.89 -2.22
C GLU C 64 -3.32 -23.98 -1.99
N TYR C 65 -2.84 -23.35 -3.05
CA TYR C 65 -1.76 -22.37 -2.92
C TYR C 65 -2.23 -21.15 -2.12
N GLU C 66 -3.50 -20.76 -2.28
CA GLU C 66 -4.07 -19.71 -1.43
C GLU C 66 -4.03 -20.10 0.07
N HIS C 67 -4.31 -21.38 0.37
CA HIS C 67 -4.20 -21.85 1.76
C HIS C 67 -2.77 -21.74 2.27
N ALA C 68 -1.80 -22.15 1.45
CA ALA C 68 -0.38 -22.08 1.80
C ALA C 68 0.02 -20.64 2.12
N LYS C 69 -0.42 -19.69 1.31
CA LYS C 69 -0.17 -18.27 1.56
C LYS C 69 -0.78 -17.78 2.88
N LYS C 70 -2.02 -18.18 3.17
CA LYS C 70 -2.65 -17.76 4.42
C LYS C 70 -1.92 -18.32 5.64
N LEU C 71 -1.45 -19.56 5.52
CA LEU C 71 -0.60 -20.17 6.55
C LEU C 71 0.74 -19.42 6.72
N ILE C 72 1.35 -19.05 5.59
CA ILE C 72 2.59 -18.28 5.58
C ILE C 72 2.43 -16.92 6.27
N ILE C 73 1.33 -16.23 5.99
CA ILE C 73 1.04 -14.94 6.63
C ILE C 73 1.00 -15.10 8.15
N PHE C 74 0.30 -16.13 8.62
CA PHE C 74 0.21 -16.40 10.07
C PHE C 74 1.59 -16.65 10.69
N LEU C 75 2.45 -17.37 9.97
CA LEU C 75 3.82 -17.62 10.44
C LEU C 75 4.61 -16.32 10.51
N ASN C 76 4.54 -15.53 9.44
CA ASN C 76 5.15 -14.21 9.38
C ASN C 76 4.75 -13.31 10.56
N GLU C 77 3.44 -13.21 10.81
CA GLU C 77 2.93 -12.31 11.86
C GLU C 77 3.41 -12.72 13.27
N ASN C 78 3.66 -14.01 13.44
CA ASN C 78 4.16 -14.56 14.70
C ASN C 78 5.70 -14.61 14.80
N ASN C 79 6.37 -13.97 13.83
CA ASN C 79 7.84 -13.99 13.73
C ASN C 79 8.42 -15.41 13.64
N VAL C 80 7.68 -16.30 12.97
CA VAL C 80 8.10 -17.69 12.81
C VAL C 80 8.71 -17.85 11.42
N PRO C 81 9.98 -18.30 11.36
CA PRO C 81 10.60 -18.53 10.04
C PRO C 81 9.82 -19.56 9.23
N VAL C 82 9.55 -19.23 7.98
CA VAL C 82 8.93 -20.16 7.05
C VAL C 82 10.06 -21.03 6.49
N GLN C 83 9.86 -22.34 6.53
CA GLN C 83 10.86 -23.29 6.06
C GLN C 83 10.29 -24.16 4.96
N LEU C 84 10.41 -23.67 3.73
CA LEU C 84 9.97 -24.41 2.56
C LEU C 84 10.97 -25.51 2.22
N THR C 85 10.46 -26.73 2.09
CA THR C 85 11.32 -27.88 1.81
C THR C 85 11.37 -28.12 0.30
N SER C 86 12.21 -29.06 -0.12
CA SER C 86 12.31 -29.40 -1.54
C SER C 86 10.99 -29.93 -2.07
N ILE C 87 10.70 -29.61 -3.33
CA ILE C 87 9.52 -30.13 -4.02
C ILE C 87 9.91 -31.37 -4.82
N SER C 88 9.12 -32.44 -4.63
CA SER C 88 9.24 -33.64 -5.43
C SER C 88 8.17 -33.64 -6.52
N ALA C 89 8.58 -33.97 -7.74
CA ALA C 89 7.67 -34.03 -8.88
C ALA C 89 6.38 -34.77 -8.51
N PRO C 90 5.22 -34.17 -8.80
CA PRO C 90 3.95 -34.84 -8.54
C PRO C 90 3.75 -36.00 -9.51
N GLU C 91 2.95 -36.99 -9.12
CA GLU C 91 2.51 -38.02 -10.07
C GLU C 91 1.92 -37.36 -11.30
N HIS C 92 2.22 -37.91 -12.48
CA HIS C 92 1.71 -37.36 -13.73
C HIS C 92 0.96 -38.40 -14.57
N LYS C 93 1.06 -39.67 -14.19
CA LYS C 93 0.39 -40.76 -14.90
C LYS C 93 -0.90 -41.13 -14.17
N PHE C 94 -2.01 -41.16 -14.90
CA PHE C 94 -3.29 -41.54 -14.32
C PHE C 94 -4.05 -42.44 -15.28
N GLU C 95 -5.01 -43.20 -14.77
CA GLU C 95 -5.73 -44.19 -15.56
C GLU C 95 -6.96 -43.59 -16.22
N GLY C 96 -7.57 -42.60 -15.57
CA GLY C 96 -8.83 -42.06 -16.05
C GLY C 96 -9.47 -41.12 -15.04
N LEU C 97 -10.63 -40.60 -15.40
CA LEU C 97 -11.33 -39.63 -14.57
C LEU C 97 -11.66 -40.17 -13.17
N THR C 98 -12.18 -41.40 -13.12
CA THR C 98 -12.61 -42.01 -11.87
C THR C 98 -11.44 -42.15 -10.93
N GLN C 99 -10.34 -42.74 -11.42
CA GLN C 99 -9.12 -42.91 -10.62
C GLN C 99 -8.56 -41.58 -10.11
N ILE C 100 -8.56 -40.55 -10.97
CA ILE C 100 -8.13 -39.22 -10.55
C ILE C 100 -8.96 -38.73 -9.34
N PHE C 101 -10.28 -38.85 -9.41
CA PHE C 101 -11.11 -38.36 -8.31
C PHE C 101 -11.13 -39.24 -7.07
N GLN C 102 -10.87 -40.53 -7.26
N GLN C 102 -10.87 -40.54 -7.25
CA GLN C 102 -10.64 -41.46 -6.14
CA GLN C 102 -10.64 -41.45 -6.13
C GLN C 102 -9.37 -41.04 -5.40
C GLN C 102 -9.35 -41.07 -5.39
N LYS C 103 -8.28 -40.85 -6.14
CA LYS C 103 -7.00 -40.36 -5.58
C LYS C 103 -7.14 -38.99 -4.91
N ALA C 104 -7.84 -38.08 -5.58
CA ALA C 104 -8.09 -36.75 -5.06
C ALA C 104 -8.86 -36.78 -3.74
N TYR C 105 -9.97 -37.54 -3.70
CA TYR C 105 -10.79 -37.67 -2.50
C TYR C 105 -9.98 -38.25 -1.34
N GLU C 106 -9.22 -39.31 -1.61
CA GLU C 106 -8.31 -39.89 -0.61
C GLU C 106 -7.29 -38.86 -0.12
N HIS C 107 -6.74 -38.06 -1.04
CA HIS C 107 -5.84 -36.96 -0.71
C HIS C 107 -6.50 -35.90 0.21
N GLU C 108 -7.72 -35.49 -0.12
CA GLU C 108 -8.46 -34.54 0.70
C GLU C 108 -8.74 -35.05 2.12
N GLN C 109 -9.05 -36.34 2.25
CA GLN C 109 -9.18 -36.99 3.56
C GLN C 109 -7.90 -36.91 4.37
N HIS C 110 -6.76 -37.17 3.72
CA HIS C 110 -5.45 -37.02 4.36
C HIS C 110 -5.20 -35.57 4.81
N ILE C 111 -5.56 -34.61 3.97
CA ILE C 111 -5.39 -33.18 4.33
C ILE C 111 -6.26 -32.81 5.54
N SER C 112 -7.51 -33.24 5.54
CA SER C 112 -8.40 -33.01 6.68
C SER C 112 -7.81 -33.56 7.98
N GLU C 113 -7.37 -34.81 7.94
CA GLU C 113 -6.72 -35.45 9.08
C GLU C 113 -5.49 -34.67 9.56
N SER C 114 -4.68 -34.17 8.63
CA SER C 114 -3.49 -33.41 8.99
C SER C 114 -3.83 -32.10 9.71
N ILE C 115 -4.91 -31.45 9.29
CA ILE C 115 -5.42 -30.23 9.96
C ILE C 115 -5.97 -30.54 11.36
N ASN C 116 -6.82 -31.57 11.47
CA ASN C 116 -7.32 -32.04 12.77
C ASN C 116 -6.19 -32.32 13.77
N ASN C 117 -5.09 -32.89 13.27
CA ASN C 117 -3.89 -33.12 14.08
C ASN C 117 -3.29 -31.83 14.62
N ILE C 118 -3.21 -30.79 13.78
CA ILE C 118 -2.63 -29.51 14.25
C ILE C 118 -3.58 -28.90 15.28
N VAL C 119 -4.88 -28.90 14.99
CA VAL C 119 -5.86 -28.34 15.90
C VAL C 119 -5.84 -29.05 17.26
N ASP C 120 -5.77 -30.38 17.21
CA ASP C 120 -5.63 -31.18 18.43
C ASP C 120 -4.41 -30.78 19.27
N HIS C 121 -3.26 -30.63 18.60
N HIS C 121 -3.27 -30.61 18.59
CA HIS C 121 -2.05 -30.22 19.31
CA HIS C 121 -2.02 -30.21 19.26
C HIS C 121 -2.16 -28.81 19.90
C HIS C 121 -2.03 -28.78 19.80
N ALA C 122 -2.83 -27.91 19.18
CA ALA C 122 -3.04 -26.55 19.69
C ALA C 122 -3.84 -26.60 21.00
N ILE C 123 -4.83 -27.50 21.06
CA ILE C 123 -5.63 -27.71 22.27
C ILE C 123 -4.74 -28.21 23.41
N LYS C 124 -3.99 -29.27 23.13
CA LYS C 124 -3.09 -29.88 24.11
C LYS C 124 -2.01 -28.91 24.61
N SER C 125 -1.60 -28.01 23.72
N SER C 125 -1.60 -28.00 23.73
CA SER C 125 -0.58 -26.99 23.99
CA SER C 125 -0.57 -27.03 24.04
C SER C 125 -1.14 -25.78 24.72
C SER C 125 -1.14 -25.72 24.60
N LYS C 126 -2.46 -25.66 24.72
CA LYS C 126 -3.18 -24.43 25.14
C LYS C 126 -2.87 -23.23 24.23
N ASP C 127 -2.56 -23.50 22.96
CA ASP C 127 -2.32 -22.45 21.98
C ASP C 127 -3.65 -22.12 21.28
N HIS C 128 -4.43 -21.24 21.92
CA HIS C 128 -5.74 -20.92 21.40
C HIS C 128 -5.79 -19.83 20.36
N ALA C 129 -4.73 -19.02 20.31
CA ALA C 129 -4.51 -18.11 19.20
C ALA C 129 -4.44 -18.93 17.90
N THR C 130 -3.67 -20.02 17.94
CA THR C 130 -3.54 -20.90 16.77
C THR C 130 -4.82 -21.70 16.54
N PHE C 131 -5.39 -22.26 17.60
CA PHE C 131 -6.70 -22.93 17.48
C PHE C 131 -7.70 -22.02 16.75
N ASN C 132 -7.83 -20.79 17.23
CA ASN C 132 -8.77 -19.81 16.69
C ASN C 132 -8.46 -19.44 15.23
N PHE C 133 -7.19 -19.22 14.93
CA PHE C 133 -6.76 -18.93 13.55
C PHE C 133 -7.15 -20.05 12.56
N LEU C 134 -7.02 -21.31 12.99
CA LEU C 134 -7.22 -22.45 12.09
C LEU C 134 -8.66 -22.72 11.69
N GLN C 135 -9.60 -22.05 12.36
CA GLN C 135 -11.02 -22.36 12.19
C GLN C 135 -11.57 -22.11 10.78
N TRP C 136 -11.10 -21.07 10.08
CA TRP C 136 -11.48 -20.85 8.67
C TRP C 136 -10.99 -22.03 7.83
N TYR C 137 -9.82 -22.56 8.21
CA TYR C 137 -9.12 -23.60 7.45
C TYR C 137 -9.80 -24.95 7.63
N VAL C 138 -10.19 -25.23 8.88
CA VAL C 138 -11.05 -26.38 9.18
C VAL C 138 -12.34 -26.34 8.36
N ALA C 139 -13.03 -25.18 8.38
CA ALA C 139 -14.31 -25.04 7.70
C ALA C 139 -14.17 -25.17 6.18
N GLU C 140 -13.22 -24.45 5.58
CA GLU C 140 -12.98 -24.53 4.13
C GLU C 140 -12.53 -25.93 3.66
N GLN C 141 -11.64 -26.58 4.41
CA GLN C 141 -11.22 -27.94 4.07
C GLN C 141 -12.37 -28.95 4.11
N HIS C 142 -13.22 -28.86 5.13
CA HIS C 142 -14.40 -29.73 5.20
C HIS C 142 -15.26 -29.55 3.96
N GLU C 143 -15.48 -28.31 3.55
CA GLU C 143 -16.23 -28.00 2.32
C GLU C 143 -15.57 -28.59 1.07
N GLU C 144 -14.23 -28.54 1.00
CA GLU C 144 -13.47 -29.15 -0.13
C GLU C 144 -13.59 -30.67 -0.13
N GLU C 145 -13.43 -31.29 1.03
CA GLU C 145 -13.59 -32.74 1.17
C GLU C 145 -14.99 -33.22 0.74
N VAL C 146 -16.04 -32.52 1.22
CA VAL C 146 -17.43 -32.85 0.87
C VAL C 146 -17.64 -32.71 -0.65
N LEU C 147 -17.06 -31.67 -1.22
CA LEU C 147 -17.13 -31.41 -2.66
C LEU C 147 -16.53 -32.57 -3.47
N PHE C 148 -15.35 -33.04 -3.05
CA PHE C 148 -14.70 -34.17 -3.73
C PHE C 148 -15.48 -35.48 -3.56
N LYS C 149 -16.09 -35.67 -2.39
CA LYS C 149 -17.00 -36.79 -2.16
C LYS C 149 -18.19 -36.71 -3.13
N ASP C 150 -18.76 -35.51 -3.28
CA ASP C 150 -19.94 -35.32 -4.13
C ASP C 150 -19.63 -35.60 -5.60
N ILE C 151 -18.50 -35.10 -6.06
CA ILE C 151 -18.06 -35.28 -7.45
C ILE C 151 -17.76 -36.74 -7.76
N LEU C 152 -17.08 -37.41 -6.84
CA LEU C 152 -16.82 -38.83 -7.00
C LEU C 152 -18.13 -39.63 -7.01
N ASP C 153 -19.07 -39.30 -6.13
CA ASP C 153 -20.39 -39.92 -6.12
C ASP C 153 -21.07 -39.78 -7.49
N LYS C 154 -21.03 -38.56 -8.05
CA LYS C 154 -21.63 -38.27 -9.35
C LYS C 154 -20.96 -39.04 -10.50
N ILE C 155 -19.63 -39.05 -10.50
CA ILE C 155 -18.87 -39.81 -11.50
C ILE C 155 -19.26 -41.31 -11.48
N GLU C 156 -19.34 -41.89 -10.29
CA GLU C 156 -19.74 -43.29 -10.11
C GLU C 156 -21.21 -43.53 -10.52
N LEU C 157 -22.07 -42.55 -10.25
CA LEU C 157 -23.49 -42.65 -10.60
C LEU C 157 -23.71 -42.65 -12.12
N ILE C 158 -23.04 -41.74 -12.80
CA ILE C 158 -23.17 -41.59 -14.26
C ILE C 158 -22.58 -42.80 -15.00
N GLY C 159 -21.37 -43.20 -14.63
CA GLY C 159 -20.63 -44.26 -15.32
C GLY C 159 -19.87 -43.74 -16.53
N ASN C 160 -19.12 -44.62 -17.20
CA ASN C 160 -18.36 -44.22 -18.40
C ASN C 160 -18.86 -44.92 -19.67
N GLU C 161 -19.97 -45.63 -19.53
CA GLU C 161 -20.66 -46.24 -20.65
C GLU C 161 -21.24 -45.13 -21.52
N ASN C 162 -21.51 -45.44 -22.79
CA ASN C 162 -22.01 -44.48 -23.76
C ASN C 162 -21.20 -43.18 -23.71
N HIS C 163 -21.90 -42.08 -23.44
CA HIS C 163 -21.30 -40.76 -23.30
C HIS C 163 -21.28 -40.31 -21.84
N GLY C 164 -21.10 -41.28 -20.94
CA GLY C 164 -21.03 -41.03 -19.50
C GLY C 164 -19.90 -40.09 -19.10
N LEU C 165 -18.72 -40.30 -19.68
CA LEU C 165 -17.54 -39.46 -19.45
C LEU C 165 -17.82 -37.99 -19.83
N TYR C 166 -18.46 -37.78 -20.98
CA TYR C 166 -18.90 -36.43 -21.36
C TYR C 166 -19.84 -35.80 -20.32
N LEU C 167 -20.87 -36.55 -19.91
CA LEU C 167 -21.85 -36.04 -18.96
C LEU C 167 -21.21 -35.72 -17.61
N ALA C 168 -20.32 -36.60 -17.15
CA ALA C 168 -19.59 -36.37 -15.90
C ALA C 168 -18.70 -35.14 -16.00
N ASP C 169 -18.00 -34.98 -17.12
CA ASP C 169 -17.12 -33.82 -17.31
C ASP C 169 -17.94 -32.52 -17.37
N GLN C 170 -19.07 -32.56 -18.06
CA GLN C 170 -19.96 -31.42 -18.10
C GLN C 170 -20.54 -31.03 -16.74
N TYR C 171 -20.83 -32.04 -15.92
CA TYR C 171 -21.25 -31.84 -14.54
C TYR C 171 -20.17 -31.10 -13.74
N VAL C 172 -18.94 -31.59 -13.82
CA VAL C 172 -17.79 -30.97 -13.14
C VAL C 172 -17.53 -29.54 -13.66
N LYS C 173 -17.65 -29.35 -14.97
CA LYS C 173 -17.55 -28.03 -15.60
C LYS C 173 -18.53 -27.02 -14.98
N GLY C 174 -19.79 -27.43 -14.83
CA GLY C 174 -20.80 -26.60 -14.17
C GLY C 174 -20.42 -26.20 -12.75
N ILE C 175 -19.88 -27.14 -11.99
CA ILE C 175 -19.41 -26.88 -10.63
C ILE C 175 -18.24 -25.89 -10.62
N ALA C 176 -17.27 -26.11 -11.52
CA ALA C 176 -16.12 -25.21 -11.63
C ALA C 176 -16.58 -23.78 -11.89
N LYS C 177 -17.52 -23.61 -12.80
CA LYS C 177 -18.01 -22.29 -13.20
C LYS C 177 -18.84 -21.65 -12.10
N SER C 178 -19.65 -22.44 -11.40
CA SER C 178 -20.51 -21.91 -10.33
C SER C 178 -19.70 -21.43 -9.12
N ARG C 179 -18.48 -21.95 -8.96
CA ARG C 179 -17.65 -21.62 -7.81
C ARG C 179 -16.81 -20.37 -8.03
N LYS C 180 -16.70 -19.95 -9.28
CA LYS C 180 -16.01 -18.71 -9.64
C LYS C 180 -16.81 -17.49 -9.22
N HIS D 9 -11.03 -43.01 -26.12
CA HIS D 9 -11.38 -41.96 -27.13
C HIS D 9 -10.13 -41.19 -27.53
N HIS D 10 -10.13 -40.64 -28.73
CA HIS D 10 -8.99 -39.93 -29.26
C HIS D 10 -9.04 -38.43 -28.93
N SER D 11 -7.94 -37.93 -28.35
CA SER D 11 -7.73 -36.51 -28.09
C SER D 11 -6.63 -35.98 -29.01
N GLN D 12 -6.75 -34.72 -29.42
CA GLN D 12 -5.80 -34.14 -30.39
C GLN D 12 -4.39 -34.03 -29.81
N ASP D 13 -3.39 -34.19 -30.69
CA ASP D 13 -1.98 -34.07 -30.34
C ASP D 13 -1.67 -32.68 -29.78
N PRO D 14 -0.57 -32.54 -29.02
CA PRO D 14 -0.08 -31.21 -28.63
C PRO D 14 0.07 -30.28 -29.84
N MET D 15 -0.33 -29.02 -29.67
CA MET D 15 -0.33 -28.07 -30.79
C MET D 15 0.98 -27.30 -30.92
N LEU D 16 1.89 -27.52 -29.98
CA LEU D 16 3.22 -26.88 -29.99
C LEU D 16 4.32 -27.90 -30.27
N SER D 17 5.45 -27.40 -30.78
CA SER D 17 6.61 -28.24 -31.10
C SER D 17 7.29 -28.71 -29.82
N LYS D 18 8.04 -29.81 -29.92
CA LYS D 18 8.74 -30.41 -28.79
C LYS D 18 9.69 -29.45 -28.06
N ASP D 19 10.42 -28.65 -28.83
CA ASP D 19 11.37 -27.70 -28.23
C ASP D 19 10.67 -26.60 -27.46
N ILE D 20 9.61 -26.04 -28.03
CA ILE D 20 8.84 -24.99 -27.39
C ILE D 20 8.14 -25.50 -26.12
N ILE D 21 7.63 -26.75 -26.17
CA ILE D 21 7.04 -27.43 -25.02
C ILE D 21 8.04 -27.51 -23.87
N LYS D 22 9.26 -27.98 -24.18
CA LYS D 22 10.31 -28.14 -23.19
C LYS D 22 10.66 -26.82 -22.52
N LEU D 23 10.85 -25.77 -23.31
CA LEU D 23 11.18 -24.44 -22.78
C LEU D 23 10.03 -23.86 -21.93
N LEU D 24 8.79 -24.05 -22.38
CA LEU D 24 7.63 -23.55 -21.62
C LEU D 24 7.45 -24.28 -20.29
N ASN D 25 7.57 -25.60 -20.30
CA ASN D 25 7.53 -26.38 -19.06
C ASN D 25 8.66 -26.06 -18.09
N GLU D 26 9.88 -25.90 -18.61
CA GLU D 26 10.99 -25.45 -17.78
C GLU D 26 10.67 -24.09 -17.16
N GLN D 27 10.01 -23.22 -17.93
CA GLN D 27 9.63 -21.89 -17.45
C GLN D 27 8.59 -21.93 -16.33
N VAL D 28 7.60 -22.81 -16.44
CA VAL D 28 6.62 -23.01 -15.36
C VAL D 28 7.35 -23.30 -14.04
N ASN D 29 8.31 -24.23 -14.09
CA ASN D 29 9.11 -24.64 -12.94
C ASN D 29 10.06 -23.56 -12.41
N LYS D 30 10.63 -22.76 -13.29
CA LYS D 30 11.40 -21.57 -12.90
C LYS D 30 10.55 -20.60 -12.08
N GLU D 31 9.32 -20.36 -12.53
CA GLU D 31 8.41 -19.45 -11.83
C GLU D 31 8.00 -20.00 -10.46
N MET D 32 7.73 -21.31 -10.41
N MET D 32 7.75 -21.30 -10.39
CA MET D 32 7.48 -22.01 -9.15
CA MET D 32 7.47 -21.95 -9.09
C MET D 32 8.66 -21.85 -8.18
C MET D 32 8.67 -21.88 -8.15
N ASN D 33 9.87 -22.09 -8.69
CA ASN D 33 11.10 -21.87 -7.91
C ASN D 33 11.21 -20.44 -7.39
N SER D 34 10.92 -19.45 -8.26
CA SER D 34 10.92 -18.03 -7.87
C SER D 34 9.96 -17.73 -6.73
N SER D 35 8.74 -18.25 -6.83
CA SER D 35 7.75 -18.13 -5.77
C SER D 35 8.32 -18.57 -4.42
N ASN D 36 8.88 -19.78 -4.38
CA ASN D 36 9.50 -20.31 -3.17
C ASN D 36 10.63 -19.45 -2.66
N LEU D 37 11.49 -18.98 -3.57
CA LEU D 37 12.64 -18.16 -3.18
C LEU D 37 12.18 -16.87 -2.52
N TYR D 38 11.19 -16.24 -3.13
CA TYR D 38 10.70 -14.98 -2.62
C TYR D 38 9.92 -15.14 -1.32
N MET D 39 9.19 -16.26 -1.16
CA MET D 39 8.55 -16.57 0.13
C MET D 39 9.61 -16.69 1.23
N SER D 40 10.73 -17.33 0.92
CA SER D 40 11.83 -17.53 1.86
C SER D 40 12.49 -16.20 2.22
N MET D 41 12.80 -15.39 1.19
CA MET D 41 13.40 -14.08 1.39
C MET D 41 12.46 -13.20 2.20
N SER D 42 11.17 -13.25 1.88
CA SER D 42 10.12 -12.51 2.59
C SER D 42 10.10 -12.86 4.08
N SER D 43 10.11 -14.17 4.36
CA SER D 43 10.11 -14.66 5.73
C SER D 43 11.35 -14.15 6.49
N TRP D 44 12.53 -14.19 5.84
CA TRP D 44 13.74 -13.65 6.46
C TRP D 44 13.52 -12.18 6.86
N CYS D 45 12.98 -11.37 5.97
CA CYS D 45 12.72 -9.97 6.29
C CYS D 45 11.74 -9.82 7.47
N TYR D 46 10.63 -10.57 7.43
CA TYR D 46 9.64 -10.52 8.50
C TYR D 46 10.20 -10.89 9.88
N THR D 47 11.11 -11.86 9.92
CA THR D 47 11.73 -12.30 11.19
C THR D 47 12.93 -11.45 11.61
N HIS D 48 13.29 -10.45 10.80
CA HIS D 48 14.36 -9.51 11.11
C HIS D 48 13.89 -8.06 11.10
N SER D 49 12.61 -7.86 11.45
CA SER D 49 12.00 -6.54 11.68
C SER D 49 11.80 -5.70 10.41
N LEU D 50 11.89 -6.33 9.25
CA LEU D 50 11.74 -5.65 7.98
C LEU D 50 10.41 -6.05 7.31
N ASP D 51 9.30 -5.65 7.92
CA ASP D 51 7.99 -6.06 7.41
C ASP D 51 7.62 -5.40 6.08
N GLY D 52 8.25 -4.27 5.77
CA GLY D 52 8.05 -3.59 4.49
C GLY D 52 8.59 -4.44 3.37
N ALA D 53 9.85 -4.85 3.48
CA ALA D 53 10.44 -5.78 2.53
C ALA D 53 9.73 -7.13 2.60
N GLY D 54 9.33 -7.54 3.80
CA GLY D 54 8.57 -8.79 3.96
C GLY D 54 7.33 -8.81 3.09
N LEU D 55 6.51 -7.78 3.23
CA LEU D 55 5.27 -7.66 2.45
C LEU D 55 5.53 -7.57 0.94
N PHE D 56 6.50 -6.73 0.56
CA PHE D 56 6.87 -6.59 -0.84
C PHE D 56 7.22 -7.93 -1.48
N LEU D 57 8.08 -8.70 -0.82
CA LEU D 57 8.59 -9.96 -1.35
C LEU D 57 7.55 -11.07 -1.36
N PHE D 58 6.64 -11.04 -0.38
CA PHE D 58 5.53 -12.00 -0.32
C PHE D 58 4.59 -11.80 -1.50
N ASP D 59 4.20 -10.55 -1.73
CA ASP D 59 3.34 -10.19 -2.85
C ASP D 59 4.04 -10.50 -4.17
N HIS D 60 5.35 -10.28 -4.24
CA HIS D 60 6.09 -10.61 -5.46
C HIS D 60 6.09 -12.13 -5.68
N ALA D 61 6.32 -12.90 -4.62
CA ALA D 61 6.28 -14.36 -4.70
C ALA D 61 4.93 -14.84 -5.28
N ALA D 62 3.84 -14.30 -4.75
CA ALA D 62 2.50 -14.68 -5.23
C ALA D 62 2.30 -14.35 -6.72
N GLU D 63 2.84 -13.21 -7.15
CA GLU D 63 2.79 -12.80 -8.55
C GLU D 63 3.59 -13.73 -9.45
N GLU D 64 4.70 -14.29 -8.95
CA GLU D 64 5.47 -15.26 -9.72
C GLU D 64 4.66 -16.54 -9.93
N TYR D 65 3.91 -16.94 -8.90
CA TYR D 65 2.99 -18.08 -9.03
C TYR D 65 1.87 -17.81 -10.04
N GLU D 66 1.38 -16.58 -10.08
CA GLU D 66 0.42 -16.16 -11.12
C GLU D 66 0.97 -16.32 -12.54
N HIS D 67 2.25 -16.02 -12.73
CA HIS D 67 2.91 -16.25 -14.03
C HIS D 67 2.96 -17.74 -14.38
N ALA D 68 3.33 -18.56 -13.40
CA ALA D 68 3.31 -20.01 -13.56
C ALA D 68 1.92 -20.48 -14.02
N LYS D 69 0.87 -20.02 -13.33
CA LYS D 69 -0.51 -20.35 -13.68
C LYS D 69 -0.89 -19.97 -15.11
N LYS D 70 -0.50 -18.76 -15.52
CA LYS D 70 -0.80 -18.28 -16.88
C LYS D 70 -0.10 -19.10 -17.96
N LEU D 71 1.13 -19.52 -17.69
CA LEU D 71 1.85 -20.42 -18.59
C LEU D 71 1.19 -21.79 -18.64
N ILE D 72 0.75 -22.27 -17.49
CA ILE D 72 0.01 -23.54 -17.40
C ILE D 72 -1.27 -23.51 -18.25
N ILE D 73 -2.06 -22.44 -18.12
CA ILE D 73 -3.28 -22.27 -18.95
C ILE D 73 -2.96 -22.40 -20.46
N PHE D 74 -1.89 -21.74 -20.88
CA PHE D 74 -1.47 -21.78 -22.29
C PHE D 74 -1.08 -23.18 -22.74
N LEU D 75 -0.39 -23.93 -21.88
CA LEU D 75 -0.05 -25.32 -22.16
C LEU D 75 -1.30 -26.18 -22.27
N ASN D 76 -2.20 -26.04 -21.29
CA ASN D 76 -3.48 -26.74 -21.30
C ASN D 76 -4.28 -26.48 -22.57
N GLU D 77 -4.40 -25.22 -22.96
CA GLU D 77 -5.20 -24.85 -24.13
C GLU D 77 -4.64 -25.44 -25.41
N ASN D 78 -3.31 -25.64 -25.45
CA ASN D 78 -2.64 -26.26 -26.58
C ASN D 78 -2.53 -27.79 -26.52
N ASN D 79 -3.28 -28.41 -25.60
CA ASN D 79 -3.18 -29.86 -25.35
C ASN D 79 -1.74 -30.33 -25.08
N VAL D 80 -0.97 -29.53 -24.35
CA VAL D 80 0.41 -29.87 -24.00
C VAL D 80 0.46 -30.32 -22.53
N PRO D 81 0.94 -31.55 -22.27
CA PRO D 81 1.08 -32.01 -20.89
C PRO D 81 1.96 -31.09 -20.06
N VAL D 82 1.47 -30.70 -18.88
CA VAL D 82 2.28 -29.93 -17.94
C VAL D 82 3.25 -30.92 -17.27
N GLN D 83 4.52 -30.53 -17.20
CA GLN D 83 5.58 -31.36 -16.65
C GLN D 83 6.21 -30.63 -15.45
N LEU D 84 5.62 -30.83 -14.28
CA LEU D 84 6.13 -30.23 -13.05
C LEU D 84 7.21 -31.13 -12.47
N THR D 85 8.39 -30.55 -12.28
CA THR D 85 9.59 -31.29 -11.86
C THR D 85 9.94 -31.05 -10.40
N SER D 86 10.91 -31.82 -9.91
CA SER D 86 11.48 -31.63 -8.58
C SER D 86 12.29 -30.33 -8.53
N ILE D 87 12.12 -29.57 -7.44
CA ILE D 87 12.91 -28.35 -7.21
C ILE D 87 13.55 -28.40 -5.83
N SER D 88 14.81 -27.97 -5.75
CA SER D 88 15.49 -27.84 -4.47
C SER D 88 14.73 -26.84 -3.58
N ALA D 89 14.81 -27.05 -2.26
CA ALA D 89 14.34 -26.07 -1.31
C ALA D 89 15.01 -24.74 -1.60
N PRO D 90 14.30 -23.62 -1.39
CA PRO D 90 14.97 -22.35 -1.63
C PRO D 90 15.99 -22.07 -0.53
N GLU D 91 16.95 -21.20 -0.81
CA GLU D 91 17.86 -20.67 0.20
C GLU D 91 17.03 -20.02 1.31
N HIS D 92 17.44 -20.24 2.56
CA HIS D 92 16.73 -19.73 3.74
C HIS D 92 17.58 -18.80 4.60
N LYS D 93 18.90 -18.84 4.40
CA LYS D 93 19.83 -18.00 5.15
C LYS D 93 20.29 -16.82 4.30
N PHE D 94 20.20 -15.63 4.88
CA PHE D 94 20.62 -14.41 4.19
C PHE D 94 21.42 -13.52 5.13
N GLU D 95 22.16 -12.58 4.56
CA GLU D 95 23.07 -11.72 5.31
C GLU D 95 22.39 -10.45 5.76
N GLY D 96 21.43 -9.98 4.98
CA GLY D 96 20.76 -8.72 5.27
C GLY D 96 19.96 -8.21 4.08
N LEU D 97 19.30 -7.06 4.27
CA LEU D 97 18.42 -6.47 3.27
C LEU D 97 19.11 -6.25 1.92
N THR D 98 20.30 -5.64 1.94
CA THR D 98 21.04 -5.34 0.71
C THR D 98 21.36 -6.63 -0.07
N GLN D 99 21.89 -7.63 0.63
CA GLN D 99 22.24 -8.91 0.02
C GLN D 99 21.03 -9.61 -0.60
N ILE D 100 19.89 -9.55 0.09
CA ILE D 100 18.64 -10.12 -0.44
C ILE D 100 18.27 -9.43 -1.76
N PHE D 101 18.29 -8.10 -1.79
CA PHE D 101 17.91 -7.38 -3.00
C PHE D 101 18.91 -7.49 -4.15
N GLN D 102 20.20 -7.65 -3.81
N GLN D 102 20.18 -7.65 -3.79
CA GLN D 102 21.21 -7.92 -4.84
CA GLN D 102 21.24 -7.93 -4.76
C GLN D 102 20.99 -9.30 -5.45
C GLN D 102 21.03 -9.29 -5.42
N LYS D 103 20.76 -10.30 -4.59
CA LYS D 103 20.43 -11.66 -5.07
C LYS D 103 19.15 -11.65 -5.90
N ALA D 104 18.14 -10.91 -5.44
CA ALA D 104 16.85 -10.86 -6.13
C ALA D 104 16.96 -10.19 -7.49
N TYR D 105 17.69 -9.07 -7.56
CA TYR D 105 17.91 -8.39 -8.84
C TYR D 105 18.63 -9.31 -9.84
N GLU D 106 19.71 -9.94 -9.39
CA GLU D 106 20.41 -10.97 -10.19
C GLU D 106 19.48 -12.08 -10.68
N HIS D 107 18.64 -12.58 -9.77
CA HIS D 107 17.60 -13.55 -10.12
C HIS D 107 16.64 -13.02 -11.20
N GLU D 108 16.16 -11.80 -11.04
CA GLU D 108 15.26 -11.21 -12.05
C GLU D 108 15.93 -11.07 -13.42
N GLN D 109 17.22 -10.73 -13.43
CA GLN D 109 18.00 -10.68 -14.67
C GLN D 109 18.05 -12.04 -15.36
N HIS D 110 18.27 -13.10 -14.57
CA HIS D 110 18.24 -14.47 -15.07
C HIS D 110 16.86 -14.85 -15.64
N ILE D 111 15.78 -14.46 -14.96
CA ILE D 111 14.43 -14.75 -15.44
C ILE D 111 14.17 -14.05 -16.77
N SER D 112 14.47 -12.75 -16.82
CA SER D 112 14.39 -11.97 -18.06
C SER D 112 15.11 -12.66 -19.20
N GLU D 113 16.34 -13.10 -18.95
CA GLU D 113 17.15 -13.81 -19.92
C GLU D 113 16.45 -15.09 -20.42
N SER D 114 15.87 -15.84 -19.49
CA SER D 114 15.16 -17.08 -19.82
C SER D 114 13.93 -16.83 -20.72
N ILE D 115 13.20 -15.74 -20.48
CA ILE D 115 12.04 -15.37 -21.32
C ILE D 115 12.48 -14.96 -22.74
N ASN D 116 13.51 -14.13 -22.82
CA ASN D 116 14.07 -13.69 -24.11
C ASN D 116 14.47 -14.89 -24.98
N ASN D 117 15.06 -15.90 -24.34
CA ASN D 117 15.42 -17.15 -24.98
C ASN D 117 14.22 -17.89 -25.59
N ILE D 118 13.11 -17.96 -24.85
CA ILE D 118 11.92 -18.62 -25.40
C ILE D 118 11.33 -17.81 -26.57
N VAL D 119 11.34 -16.49 -26.44
CA VAL D 119 10.78 -15.61 -27.46
C VAL D 119 11.62 -15.72 -28.73
N ASP D 120 12.93 -15.77 -28.53
CA ASP D 120 13.86 -16.00 -29.62
C ASP D 120 13.57 -17.31 -30.35
N HIS D 121 13.38 -18.39 -29.59
N HIS D 121 13.39 -18.39 -29.58
CA HIS D 121 13.09 -19.71 -30.17
CA HIS D 121 13.09 -19.71 -30.14
C HIS D 121 11.75 -19.74 -30.89
C HIS D 121 11.75 -19.76 -30.87
N ALA D 122 10.75 -19.02 -30.37
CA ALA D 122 9.46 -18.88 -31.04
C ALA D 122 9.63 -18.24 -32.44
N ILE D 123 10.45 -17.18 -32.53
CA ILE D 123 10.75 -16.51 -33.82
C ILE D 123 11.41 -17.48 -34.79
N LYS D 124 12.44 -18.16 -34.30
CA LYS D 124 13.18 -19.14 -35.10
C LYS D 124 12.30 -20.28 -35.61
N SER D 125 11.41 -20.79 -34.74
CA SER D 125 10.46 -21.86 -35.08
C SER D 125 9.28 -21.39 -35.91
N LYS D 126 9.16 -20.08 -36.09
CA LYS D 126 8.00 -19.45 -36.72
C LYS D 126 6.72 -19.72 -35.92
N ASP D 127 6.87 -19.83 -34.59
CA ASP D 127 5.75 -20.07 -33.71
C ASP D 127 5.26 -18.72 -33.19
N HIS D 128 4.40 -18.07 -33.98
CA HIS D 128 3.97 -16.72 -33.66
C HIS D 128 2.75 -16.65 -32.77
N ALA D 129 2.02 -17.75 -32.67
CA ALA D 129 1.01 -17.88 -31.62
C ALA D 129 1.68 -17.74 -30.25
N THR D 130 2.81 -18.43 -30.08
CA THR D 130 3.58 -18.42 -28.83
C THR D 130 4.31 -17.07 -28.64
N PHE D 131 4.92 -16.54 -29.70
CA PHE D 131 5.50 -15.18 -29.67
C PHE D 131 4.47 -14.18 -29.17
N ASN D 132 3.31 -14.14 -29.82
CA ASN D 132 2.22 -13.26 -29.42
C ASN D 132 1.74 -13.46 -27.97
N PHE D 133 1.59 -14.71 -27.56
CA PHE D 133 1.12 -15.01 -26.21
C PHE D 133 2.04 -14.44 -25.12
N LEU D 134 3.34 -14.58 -25.35
CA LEU D 134 4.38 -14.21 -24.39
C LEU D 134 4.58 -12.71 -24.17
N GLN D 135 3.93 -11.86 -24.98
CA GLN D 135 4.19 -10.42 -24.93
C GLN D 135 3.79 -9.78 -23.59
N TRP D 136 2.68 -10.22 -22.99
CA TRP D 136 2.31 -9.72 -21.66
C TRP D 136 3.43 -10.06 -20.68
N TYR D 137 4.07 -11.21 -20.90
CA TYR D 137 5.00 -11.81 -19.96
C TYR D 137 6.35 -11.11 -20.05
N VAL D 138 6.78 -10.84 -21.28
CA VAL D 138 7.91 -9.95 -21.55
C VAL D 138 7.73 -8.57 -20.91
N ALA D 139 6.56 -7.96 -21.12
CA ALA D 139 6.25 -6.63 -20.59
C ALA D 139 6.20 -6.58 -19.07
N GLU D 140 5.54 -7.56 -18.44
CA GLU D 140 5.45 -7.60 -16.99
C GLU D 140 6.78 -7.91 -16.31
N GLN D 141 7.56 -8.81 -16.91
CA GLN D 141 8.87 -9.12 -16.37
C GLN D 141 9.85 -7.94 -16.47
N HIS D 142 9.79 -7.20 -17.57
CA HIS D 142 10.60 -5.97 -17.69
C HIS D 142 10.30 -4.99 -16.56
N GLU D 143 9.01 -4.80 -16.25
N GLU D 143 9.02 -4.81 -16.25
CA GLU D 143 8.59 -3.93 -15.14
CA GLU D 143 8.59 -3.95 -15.16
C GLU D 143 9.13 -4.44 -13.81
C GLU D 143 9.10 -4.44 -13.80
N GLU D 144 9.06 -5.77 -13.60
CA GLU D 144 9.56 -6.38 -12.35
C GLU D 144 11.08 -6.21 -12.22
N GLU D 145 11.81 -6.46 -13.31
CA GLU D 145 13.26 -6.27 -13.30
C GLU D 145 13.65 -4.80 -13.01
N VAL D 146 12.97 -3.84 -13.65
CA VAL D 146 13.18 -2.41 -13.40
C VAL D 146 12.91 -2.07 -11.93
N LEU D 147 11.84 -2.64 -11.40
CA LEU D 147 11.43 -2.43 -10.02
C LEU D 147 12.49 -2.87 -9.01
N PHE D 148 13.05 -4.06 -9.21
CA PHE D 148 14.16 -4.56 -8.37
C PHE D 148 15.44 -3.74 -8.52
N LYS D 149 15.71 -3.24 -9.72
CA LYS D 149 16.83 -2.31 -9.94
C LYS D 149 16.62 -1.03 -9.12
N ASP D 150 15.41 -0.49 -9.18
CA ASP D 150 15.06 0.73 -8.45
C ASP D 150 15.14 0.58 -6.92
N ILE D 151 14.67 -0.56 -6.42
CA ILE D 151 14.71 -0.81 -4.97
C ILE D 151 16.14 -0.98 -4.49
N LEU D 152 16.92 -1.76 -5.24
CA LEU D 152 18.34 -1.94 -4.92
C LEU D 152 19.11 -0.61 -4.97
N ASP D 153 18.92 0.18 -6.02
CA ASP D 153 19.46 1.56 -6.09
C ASP D 153 19.11 2.38 -4.84
N LYS D 154 17.85 2.34 -4.43
CA LYS D 154 17.38 3.09 -3.28
C LYS D 154 18.01 2.57 -1.97
N ILE D 155 18.07 1.26 -1.81
CA ILE D 155 18.69 0.66 -0.62
C ILE D 155 20.15 1.09 -0.50
N GLU D 156 20.87 1.05 -1.61
CA GLU D 156 22.27 1.48 -1.64
C GLU D 156 22.44 2.98 -1.41
N LEU D 157 21.49 3.78 -1.91
CA LEU D 157 21.51 5.23 -1.69
C LEU D 157 21.33 5.59 -0.22
N ILE D 158 20.40 4.90 0.45
CA ILE D 158 20.05 5.18 1.83
C ILE D 158 21.19 4.80 2.80
N GLY D 159 21.74 3.62 2.61
CA GLY D 159 22.78 3.10 3.50
C GLY D 159 22.24 2.31 4.67
N ASN D 160 23.13 1.58 5.34
CA ASN D 160 22.79 0.72 6.48
C ASN D 160 22.71 1.48 7.80
N GLU D 161 23.59 2.47 7.94
CA GLU D 161 23.83 3.18 9.19
C GLU D 161 22.65 4.04 9.67
N ASN D 162 22.73 4.49 10.94
CA ASN D 162 21.89 5.57 11.46
C ASN D 162 20.42 5.55 10.99
N HIS D 163 19.68 4.53 11.42
CA HIS D 163 18.30 4.21 10.97
C HIS D 163 18.03 4.11 9.46
N GLY D 164 19.08 3.88 8.67
CA GLY D 164 18.95 3.68 7.23
C GLY D 164 18.12 2.45 6.86
N LEU D 165 18.31 1.36 7.61
CA LEU D 165 17.52 0.13 7.43
C LEU D 165 16.01 0.37 7.56
N TYR D 166 15.62 1.09 8.61
CA TYR D 166 14.25 1.49 8.80
C TYR D 166 13.72 2.31 7.62
N LEU D 167 14.48 3.33 7.23
CA LEU D 167 14.10 4.20 6.10
C LEU D 167 13.97 3.39 4.80
N ALA D 168 14.92 2.50 4.54
CA ALA D 168 14.84 1.62 3.36
C ALA D 168 13.61 0.71 3.40
N ASP D 169 13.31 0.15 4.56
CA ASP D 169 12.15 -0.74 4.71
C ASP D 169 10.81 0.00 4.55
N GLN D 170 10.73 1.21 5.10
CA GLN D 170 9.55 2.05 4.92
C GLN D 170 9.35 2.43 3.47
N TYR D 171 10.46 2.68 2.78
CA TYR D 171 10.41 2.97 1.36
C TYR D 171 9.83 1.79 0.59
N VAL D 172 10.35 0.59 0.85
CA VAL D 172 9.85 -0.63 0.21
C VAL D 172 8.38 -0.91 0.60
N LYS D 173 8.02 -0.62 1.85
CA LYS D 173 6.64 -0.75 2.33
C LYS D 173 5.69 0.08 1.48
N GLY D 174 6.06 1.34 1.22
CA GLY D 174 5.28 2.24 0.35
C GLY D 174 5.06 1.69 -1.05
N ILE D 175 6.10 1.09 -1.63
CA ILE D 175 5.98 0.44 -2.94
C ILE D 175 5.03 -0.76 -2.86
N ALA D 176 5.22 -1.60 -1.85
CA ALA D 176 4.36 -2.76 -1.65
C ALA D 176 2.88 -2.37 -1.63
N LYS D 177 2.54 -1.34 -0.85
CA LYS D 177 1.16 -0.90 -0.71
C LYS D 177 0.62 -0.25 -1.98
N SER D 178 1.43 0.58 -2.64
CA SER D 178 1.00 1.27 -3.87
C SER D 178 0.72 0.30 -5.02
N ARG D 179 1.41 -0.85 -5.02
CA ARG D 179 1.20 -1.87 -6.04
C ARG D 179 -0.02 -2.75 -5.71
N LYS D 180 -0.59 -2.48 -4.54
CA LYS D 180 -1.76 -3.16 -3.99
C LYS D 180 -1.49 -4.59 -3.53
N HIS E 9 27.76 6.52 -3.52
CA HIS E 9 26.84 5.34 -3.60
C HIS E 9 26.88 4.69 -4.97
N HIS E 10 26.65 3.37 -4.98
CA HIS E 10 26.62 2.58 -6.20
C HIS E 10 25.21 2.55 -6.83
N SER E 11 25.12 2.90 -8.11
CA SER E 11 23.88 2.78 -8.90
C SER E 11 24.06 1.66 -9.94
N GLN E 12 22.98 0.96 -10.23
CA GLN E 12 23.07 -0.18 -11.16
C GLN E 12 23.48 0.27 -12.57
N ASP E 13 24.22 -0.59 -13.26
CA ASP E 13 24.66 -0.37 -14.63
C ASP E 13 23.46 -0.23 -15.56
N PRO E 14 23.66 0.37 -16.76
CA PRO E 14 22.61 0.37 -17.78
C PRO E 14 22.06 -1.03 -18.04
N MET E 15 20.74 -1.13 -18.16
CA MET E 15 20.07 -2.41 -18.39
C MET E 15 20.03 -2.83 -19.86
N LEU E 16 20.47 -1.94 -20.76
CA LEU E 16 20.44 -2.21 -22.20
C LEU E 16 21.85 -2.34 -22.75
N SER E 17 22.00 -3.05 -23.87
CA SER E 17 23.31 -3.22 -24.52
C SER E 17 23.82 -1.92 -25.13
N LYS E 18 25.13 -1.85 -25.38
CA LYS E 18 25.74 -0.64 -25.94
C LYS E 18 25.17 -0.24 -27.29
N ASP E 19 24.90 -1.24 -28.14
CA ASP E 19 24.32 -1.02 -29.47
C ASP E 19 22.91 -0.42 -29.40
N ILE E 20 22.07 -0.99 -28.54
CA ILE E 20 20.71 -0.48 -28.35
C ILE E 20 20.71 0.91 -27.71
N ILE E 21 21.59 1.13 -26.73
CA ILE E 21 21.78 2.44 -26.13
C ILE E 21 22.07 3.50 -27.20
N LYS E 22 22.97 3.17 -28.12
CA LYS E 22 23.36 4.08 -29.19
C LYS E 22 22.18 4.39 -30.12
N LEU E 23 21.50 3.34 -30.59
CA LEU E 23 20.37 3.50 -31.51
C LEU E 23 19.22 4.32 -30.91
N LEU E 24 18.92 4.06 -29.64
CA LEU E 24 17.83 4.77 -28.96
C LEU E 24 18.19 6.22 -28.68
N ASN E 25 19.42 6.47 -28.24
CA ASN E 25 19.88 7.85 -28.09
C ASN E 25 19.83 8.63 -29.41
N GLU E 26 20.26 8.00 -30.49
CA GLU E 26 20.16 8.59 -31.83
C GLU E 26 18.70 8.84 -32.23
N GLN E 27 17.80 7.95 -31.80
CA GLN E 27 16.37 8.06 -32.09
C GLN E 27 15.72 9.23 -31.37
N VAL E 28 16.10 9.44 -30.10
CA VAL E 28 15.69 10.64 -29.37
C VAL E 28 16.05 11.89 -30.19
N ASN E 29 17.29 11.95 -30.65
CA ASN E 29 17.80 13.07 -31.46
C ASN E 29 17.00 13.28 -32.76
N LYS E 30 16.70 12.16 -33.45
CA LYS E 30 15.93 12.21 -34.69
C LYS E 30 14.55 12.82 -34.48
N GLU E 31 13.89 12.46 -33.38
CA GLU E 31 12.54 12.96 -33.09
C GLU E 31 12.54 14.44 -32.69
N MET E 32 13.55 14.86 -31.96
CA MET E 32 13.73 16.30 -31.64
C MET E 32 14.02 17.09 -32.92
N ASN E 33 14.86 16.52 -33.79
CA ASN E 33 15.13 17.14 -35.07
C ASN E 33 13.87 17.23 -35.93
N SER E 34 13.11 16.14 -35.94
CA SER E 34 11.84 16.07 -36.65
C SER E 34 10.85 17.13 -36.15
N SER E 35 10.76 17.28 -34.82
CA SER E 35 9.91 18.30 -34.21
C SER E 35 10.23 19.71 -34.75
N ASN E 36 11.50 20.08 -34.75
CA ASN E 36 11.91 21.38 -35.27
C ASN E 36 11.69 21.55 -36.77
N LEU E 37 11.92 20.48 -37.54
CA LEU E 37 11.64 20.52 -38.98
C LEU E 37 10.17 20.83 -39.25
N TYR E 38 9.29 20.15 -38.51
CA TYR E 38 7.88 20.39 -38.66
C TYR E 38 7.42 21.77 -38.19
N MET E 39 8.07 22.31 -37.14
CA MET E 39 7.85 23.71 -36.74
C MET E 39 8.26 24.66 -37.85
N SER E 40 9.37 24.35 -38.50
CA SER E 40 9.87 25.16 -39.61
C SER E 40 8.90 25.11 -40.79
N MET E 41 8.43 23.91 -41.14
CA MET E 41 7.46 23.74 -42.20
C MET E 41 6.14 24.44 -41.86
N SER E 42 5.72 24.32 -40.60
CA SER E 42 4.51 24.93 -40.12
C SER E 42 4.56 26.45 -40.27
N SER E 43 5.68 27.05 -39.85
CA SER E 43 5.88 28.49 -39.90
C SER E 43 5.83 29.01 -41.33
N TRP E 44 6.45 28.27 -42.25
CA TRP E 44 6.39 28.60 -43.66
C TRP E 44 4.93 28.70 -44.11
N CYS E 45 4.12 27.72 -43.75
CA CYS E 45 2.70 27.72 -44.09
C CYS E 45 1.96 28.89 -43.45
N TYR E 46 2.18 29.12 -42.16
CA TYR E 46 1.55 30.24 -41.44
C TYR E 46 1.89 31.61 -42.03
N THR E 47 3.09 31.76 -42.57
CA THR E 47 3.51 33.04 -43.15
C THR E 47 3.22 33.14 -44.66
N HIS E 48 2.62 32.09 -45.22
CA HIS E 48 2.16 32.08 -46.61
C HIS E 48 0.66 31.82 -46.75
N SER E 49 -0.11 32.21 -45.73
CA SER E 49 -1.59 32.15 -45.75
C SER E 49 -2.16 30.74 -45.71
N LEU E 50 -1.34 29.78 -45.33
CA LEU E 50 -1.79 28.39 -45.21
C LEU E 50 -1.87 27.98 -43.74
N ASP E 51 -2.86 28.52 -43.03
CA ASP E 51 -2.97 28.25 -41.59
C ASP E 51 -3.54 26.88 -41.24
N GLY E 52 -4.17 26.22 -42.23
CA GLY E 52 -4.62 24.84 -42.05
C GLY E 52 -3.45 23.89 -41.96
N ALA E 53 -2.56 23.96 -42.96
CA ALA E 53 -1.32 23.21 -42.95
C ALA E 53 -0.38 23.69 -41.81
N GLY E 54 -0.38 25.00 -41.55
CA GLY E 54 0.36 25.54 -40.40
C GLY E 54 -0.01 24.81 -39.12
N LEU E 55 -1.31 24.76 -38.82
CA LEU E 55 -1.82 24.07 -37.63
C LEU E 55 -1.52 22.58 -37.64
N PHE E 56 -1.79 21.95 -38.78
CA PHE E 56 -1.55 20.53 -38.91
C PHE E 56 -0.09 20.18 -38.56
N LEU E 57 0.85 20.94 -39.14
CA LEU E 57 2.27 20.66 -39.00
C LEU E 57 2.82 21.03 -37.63
N PHE E 58 2.26 22.07 -37.01
CA PHE E 58 2.60 22.43 -35.63
C PHE E 58 2.19 21.29 -34.69
N ASP E 59 0.94 20.82 -34.81
CA ASP E 59 0.48 19.72 -33.96
C ASP E 59 1.27 18.44 -34.20
N HIS E 60 1.63 18.19 -35.45
CA HIS E 60 2.45 17.03 -35.75
C HIS E 60 3.87 17.15 -35.17
N ALA E 61 4.46 18.35 -35.21
CA ALA E 61 5.75 18.61 -34.54
C ALA E 61 5.70 18.28 -33.06
N ALA E 62 4.63 18.71 -32.40
CA ALA E 62 4.44 18.46 -30.98
C ALA E 62 4.35 16.97 -30.66
N GLU E 63 3.74 16.20 -31.57
CA GLU E 63 3.62 14.76 -31.40
CA GLU E 63 3.63 14.73 -31.46
C GLU E 63 4.97 14.04 -31.57
N GLU E 64 5.81 14.53 -32.48
CA GLU E 64 7.16 13.98 -32.65
C GLU E 64 7.96 14.22 -31.38
N TYR E 65 7.83 15.41 -30.79
CA TYR E 65 8.46 15.70 -29.50
C TYR E 65 7.97 14.76 -28.39
N GLU E 66 6.67 14.48 -28.34
CA GLU E 66 6.12 13.49 -27.40
CA GLU E 66 6.15 13.49 -27.38
C GLU E 66 6.81 12.13 -27.56
N HIS E 67 7.08 11.72 -28.80
CA HIS E 67 7.83 10.47 -29.05
C HIS E 67 9.23 10.49 -28.44
N ALA E 68 9.95 11.58 -28.70
CA ALA E 68 11.26 11.81 -28.06
C ALA E 68 11.18 11.61 -26.54
N LYS E 69 10.21 12.25 -25.90
CA LYS E 69 10.05 12.16 -24.43
C LYS E 69 9.81 10.73 -23.95
N LYS E 70 8.97 9.98 -24.69
CA LYS E 70 8.70 8.57 -24.38
C LYS E 70 9.94 7.70 -24.49
N LEU E 71 10.75 7.93 -25.53
CA LEU E 71 12.04 7.27 -25.65
C LEU E 71 12.97 7.62 -24.48
N ILE E 72 12.98 8.88 -24.08
CA ILE E 72 13.76 9.34 -22.90
C ILE E 72 13.33 8.64 -21.61
N ILE E 73 12.02 8.48 -21.40
CA ILE E 73 11.49 7.81 -20.21
C ILE E 73 12.00 6.36 -20.18
N PHE E 74 11.96 5.70 -21.34
CA PHE E 74 12.42 4.31 -21.43
C PHE E 74 13.92 4.18 -21.11
N LEU E 75 14.73 5.13 -21.58
CA LEU E 75 16.17 5.16 -21.26
C LEU E 75 16.40 5.37 -19.76
N ASN E 76 15.71 6.35 -19.18
CA ASN E 76 15.80 6.62 -17.75
C ASN E 76 15.47 5.38 -16.91
N GLU E 77 14.39 4.70 -17.27
CA GLU E 77 13.90 3.58 -16.48
C GLU E 77 14.87 2.39 -16.51
N ASN E 78 15.65 2.32 -17.59
CA ASN E 78 16.69 1.30 -17.77
C ASN E 78 18.07 1.74 -17.28
N ASN E 79 18.12 2.86 -16.54
CA ASN E 79 19.40 3.44 -16.10
C ASN E 79 20.39 3.70 -17.25
N VAL E 80 19.88 4.13 -18.39
CA VAL E 80 20.71 4.42 -19.54
C VAL E 80 20.88 5.93 -19.65
N PRO E 81 22.14 6.41 -19.64
CA PRO E 81 22.36 7.85 -19.82
C PRO E 81 21.79 8.37 -21.15
N VAL E 82 20.99 9.43 -21.06
CA VAL E 82 20.56 10.15 -22.24
C VAL E 82 21.68 11.15 -22.52
N GLN E 83 22.40 10.92 -23.61
CA GLN E 83 23.53 11.75 -23.99
C GLN E 83 23.15 12.53 -25.24
N LEU E 84 22.54 13.70 -25.03
CA LEU E 84 22.02 14.52 -26.10
C LEU E 84 23.15 15.27 -26.81
N THR E 85 23.21 15.13 -28.13
CA THR E 85 24.16 15.91 -28.92
C THR E 85 23.38 17.11 -29.46
N SER E 86 23.92 17.81 -30.46
CA SER E 86 23.21 18.96 -31.02
C SER E 86 21.96 18.51 -31.77
N ILE E 87 20.99 19.41 -31.88
CA ILE E 87 19.85 19.18 -32.76
C ILE E 87 20.04 20.07 -33.99
N SER E 88 20.28 19.46 -35.14
CA SER E 88 20.60 20.23 -36.36
C SER E 88 19.49 21.22 -36.70
N ALA E 89 19.87 22.38 -37.22
CA ALA E 89 18.88 23.35 -37.68
C ALA E 89 18.06 22.72 -38.79
N PRO E 90 16.73 22.94 -38.77
CA PRO E 90 15.89 22.41 -39.85
C PRO E 90 16.00 23.24 -41.12
N GLU E 91 15.75 22.59 -42.26
CA GLU E 91 15.61 23.34 -43.49
CA GLU E 91 15.51 23.25 -43.53
C GLU E 91 14.42 24.29 -43.33
N HIS E 92 14.55 25.45 -43.97
CA HIS E 92 13.60 26.54 -43.78
C HIS E 92 13.06 27.11 -45.09
N LYS E 93 13.76 26.85 -46.18
CA LYS E 93 13.40 27.40 -47.49
C LYS E 93 12.56 26.39 -48.24
N PHE E 94 11.33 26.76 -48.57
CA PHE E 94 10.42 25.86 -49.26
C PHE E 94 9.77 26.53 -50.48
N GLU E 95 9.45 25.74 -51.48
CA GLU E 95 8.90 26.25 -52.74
C GLU E 95 7.40 26.46 -52.66
N GLY E 96 6.72 25.64 -51.86
CA GLY E 96 5.28 25.66 -51.77
C GLY E 96 4.73 24.50 -50.96
N LEU E 97 3.40 24.44 -50.84
CA LEU E 97 2.72 23.41 -50.06
C LEU E 97 3.02 21.99 -50.54
N THR E 98 2.96 21.77 -51.85
CA THR E 98 3.24 20.46 -52.42
C THR E 98 4.64 19.97 -52.03
N GLN E 99 5.64 20.83 -52.22
CA GLN E 99 7.04 20.50 -51.90
C GLN E 99 7.21 20.17 -50.42
N ILE E 100 6.59 20.98 -49.56
CA ILE E 100 6.60 20.72 -48.13
C ILE E 100 6.11 19.30 -47.80
N PHE E 101 4.97 18.92 -48.38
CA PHE E 101 4.42 17.59 -48.09
C PHE E 101 5.14 16.43 -48.78
N GLN E 102 5.75 16.69 -49.93
N GLN E 102 5.75 16.71 -49.93
CA GLN E 102 6.65 15.72 -50.58
CA GLN E 102 6.65 15.77 -50.60
C GLN E 102 7.87 15.48 -49.70
C GLN E 102 7.89 15.49 -49.75
N LYS E 103 8.47 16.55 -49.19
CA LYS E 103 9.62 16.43 -48.27
C LYS E 103 9.21 15.77 -46.95
N ALA E 104 8.02 16.13 -46.46
CA ALA E 104 7.51 15.57 -45.21
C ALA E 104 7.27 14.06 -45.33
N TYR E 105 6.62 13.64 -46.42
CA TYR E 105 6.38 12.23 -46.66
C TYR E 105 7.69 11.45 -46.77
N GLU E 106 8.63 11.98 -47.55
CA GLU E 106 9.97 11.39 -47.62
C GLU E 106 10.62 11.29 -46.25
N HIS E 107 10.51 12.36 -45.45
CA HIS E 107 11.03 12.38 -44.09
C HIS E 107 10.41 11.27 -43.21
N GLU E 108 9.09 11.10 -43.30
CA GLU E 108 8.39 10.07 -42.53
C GLU E 108 8.81 8.66 -42.94
N GLN E 109 9.03 8.44 -44.23
CA GLN E 109 9.62 7.18 -44.72
C GLN E 109 10.99 6.90 -44.09
N HIS E 110 11.82 7.93 -44.00
CA HIS E 110 13.13 7.81 -43.36
C HIS E 110 12.95 7.46 -41.87
N ILE E 111 11.99 8.12 -41.20
CA ILE E 111 11.73 7.85 -39.78
C ILE E 111 11.28 6.40 -39.58
N SER E 112 10.34 5.93 -40.40
CA SER E 112 9.90 4.53 -40.36
C SER E 112 11.07 3.56 -40.51
N GLU E 113 11.94 3.84 -41.47
CA GLU E 113 13.14 3.05 -41.72
C GLU E 113 14.02 2.96 -40.46
N SER E 114 14.23 4.12 -39.81
CA SER E 114 15.06 4.21 -38.61
C SER E 114 14.51 3.37 -37.47
N ILE E 115 13.19 3.34 -37.32
CA ILE E 115 12.51 2.51 -36.31
C ILE E 115 12.64 1.02 -36.60
N ASN E 116 12.40 0.63 -37.86
CA ASN E 116 12.57 -0.76 -38.29
C ASN E 116 13.97 -1.30 -37.98
N ASN E 117 14.98 -0.47 -38.22
CA ASN E 117 16.38 -0.77 -37.91
C ASN E 117 16.59 -1.09 -36.42
N ILE E 118 16.03 -0.28 -35.52
CA ILE E 118 16.16 -0.55 -34.09
C ILE E 118 15.47 -1.87 -33.73
N VAL E 119 14.24 -2.05 -34.22
CA VAL E 119 13.44 -3.23 -33.91
C VAL E 119 14.17 -4.48 -34.38
N ASP E 120 14.75 -4.38 -35.56
CA ASP E 120 15.55 -5.46 -36.12
C ASP E 120 16.75 -5.80 -35.23
N HIS E 121 17.46 -4.78 -34.75
N HIS E 121 17.47 -4.77 -34.76
CA HIS E 121 18.60 -5.00 -33.87
CA HIS E 121 18.61 -4.94 -33.86
C HIS E 121 18.19 -5.59 -32.52
C HIS E 121 18.21 -5.56 -32.52
N ALA E 122 17.04 -5.19 -32.01
CA ALA E 122 16.47 -5.79 -30.80
C ALA E 122 16.18 -7.30 -30.98
N ILE E 123 15.65 -7.69 -32.14
CA ILE E 123 15.44 -9.10 -32.46
C ILE E 123 16.76 -9.87 -32.45
N LYS E 124 17.75 -9.33 -33.15
CA LYS E 124 19.08 -9.97 -33.27
C LYS E 124 19.85 -10.05 -31.94
N SER E 125 19.63 -9.07 -31.07
CA SER E 125 20.28 -9.00 -29.75
C SER E 125 19.50 -9.80 -28.72
N LYS E 126 18.31 -10.26 -29.11
CA LYS E 126 17.36 -10.94 -28.22
C LYS E 126 16.83 -10.03 -27.11
N ASP E 127 16.84 -8.72 -27.39
CA ASP E 127 16.36 -7.72 -26.44
C ASP E 127 14.87 -7.51 -26.66
N HIS E 128 14.07 -8.37 -26.05
CA HIS E 128 12.64 -8.38 -26.30
C HIS E 128 11.84 -7.48 -25.37
N ALA E 129 12.46 -7.05 -24.28
CA ALA E 129 11.92 -5.93 -23.53
C ALA E 129 11.88 -4.68 -24.44
N THR E 130 12.98 -4.42 -25.16
CA THR E 130 13.04 -3.28 -26.10
C THR E 130 12.13 -3.50 -27.33
N PHE E 131 12.17 -4.69 -27.91
CA PHE E 131 11.22 -5.06 -28.97
C PHE E 131 9.77 -4.77 -28.56
N ASN E 132 9.38 -5.27 -27.38
CA ASN E 132 8.03 -5.09 -26.87
C ASN E 132 7.69 -3.61 -26.62
N PHE E 133 8.62 -2.87 -26.02
CA PHE E 133 8.40 -1.44 -25.75
C PHE E 133 8.14 -0.63 -27.01
N LEU E 134 8.86 -0.97 -28.08
CA LEU E 134 8.84 -0.21 -29.33
C LEU E 134 7.54 -0.35 -30.15
N GLN E 135 6.68 -1.30 -29.78
CA GLN E 135 5.49 -1.61 -30.58
C GLN E 135 4.47 -0.48 -30.75
N TRP E 136 4.20 0.30 -29.69
CA TRP E 136 3.34 1.48 -29.80
C TRP E 136 3.92 2.46 -30.83
N TYR E 137 5.26 2.52 -30.86
CA TYR E 137 6.03 3.46 -31.67
C TYR E 137 5.99 3.04 -33.14
N VAL E 138 6.19 1.74 -33.40
CA VAL E 138 5.97 1.18 -34.75
C VAL E 138 4.54 1.49 -35.25
N ALA E 139 3.56 1.19 -34.41
CA ALA E 139 2.15 1.39 -34.75
C ALA E 139 1.83 2.85 -35.02
N GLU E 140 2.23 3.74 -34.12
CA GLU E 140 1.96 5.16 -34.30
C GLU E 140 2.69 5.74 -35.51
N GLN E 141 3.94 5.34 -35.71
CA GLN E 141 4.70 5.81 -36.87
C GLN E 141 4.08 5.37 -38.19
N HIS E 142 3.60 4.12 -38.26
CA HIS E 142 2.93 3.66 -39.47
C HIS E 142 1.72 4.52 -39.79
N GLU E 143 0.92 4.83 -38.79
CA GLU E 143 -0.25 5.72 -38.94
C GLU E 143 0.15 7.11 -39.43
N GLU E 144 1.27 7.64 -38.91
CA GLU E 144 1.78 8.96 -39.31
C GLU E 144 2.26 8.96 -40.76
N GLU E 145 2.98 7.90 -41.14
CA GLU E 145 3.45 7.75 -42.52
C GLU E 145 2.28 7.66 -43.51
N VAL E 146 1.27 6.85 -43.18
CA VAL E 146 0.06 6.71 -43.99
C VAL E 146 -0.67 8.05 -44.12
N LEU E 147 -0.76 8.78 -43.00
CA LEU E 147 -1.40 10.10 -42.97
C LEU E 147 -0.74 11.08 -43.94
N PHE E 148 0.59 11.17 -43.89
CA PHE E 148 1.33 12.03 -44.82
C PHE E 148 1.20 11.60 -46.28
N LYS E 149 1.21 10.29 -46.54
CA LYS E 149 0.87 9.76 -47.86
C LYS E 149 -0.52 10.26 -48.31
N ASP E 150 -1.51 10.17 -47.42
CA ASP E 150 -2.89 10.58 -47.75
C ASP E 150 -3.03 12.07 -48.04
N ILE E 151 -2.33 12.89 -47.27
CA ILE E 151 -2.37 14.33 -47.44
C ILE E 151 -1.66 14.74 -48.74
N LEU E 152 -0.48 14.16 -48.98
CA LEU E 152 0.23 14.40 -50.24
C LEU E 152 -0.60 13.99 -51.46
N ASP E 153 -1.20 12.79 -51.41
CA ASP E 153 -2.13 12.32 -52.43
C ASP E 153 -3.22 13.37 -52.72
N LYS E 154 -3.82 13.91 -51.65
CA LYS E 154 -4.94 14.86 -51.77
C LYS E 154 -4.48 16.21 -52.34
N ILE E 155 -3.31 16.67 -51.90
CA ILE E 155 -2.73 17.91 -52.40
C ILE E 155 -2.48 17.80 -53.90
N GLU E 156 -1.90 16.67 -54.33
CA GLU E 156 -1.65 16.43 -55.74
C GLU E 156 -2.93 16.25 -56.57
N LEU E 157 -3.98 15.70 -55.94
CA LEU E 157 -5.28 15.55 -56.62
C LEU E 157 -5.94 16.91 -56.85
N ILE E 158 -5.94 17.75 -55.81
CA ILE E 158 -6.51 19.09 -55.89
C ILE E 158 -5.78 19.96 -56.91
N GLY E 159 -4.45 20.01 -56.81
CA GLY E 159 -3.62 20.90 -57.63
C GLY E 159 -3.56 22.32 -57.07
N ASN E 160 -2.81 23.20 -57.71
CA ASN E 160 -2.73 24.60 -57.27
C ASN E 160 -3.29 25.58 -58.32
N GLU E 161 -4.10 25.09 -59.24
CA GLU E 161 -4.79 25.95 -60.18
C GLU E 161 -6.01 26.54 -59.50
N ASN E 162 -6.56 27.62 -60.05
CA ASN E 162 -7.69 28.34 -59.46
C ASN E 162 -7.35 28.58 -57.98
N HIS E 163 -8.28 28.20 -57.12
CA HIS E 163 -8.13 28.23 -55.68
C HIS E 163 -7.84 26.84 -55.09
N GLY E 164 -7.02 26.07 -55.80
CA GLY E 164 -6.60 24.74 -55.34
C GLY E 164 -5.89 24.77 -54.00
N LEU E 165 -4.97 25.72 -53.82
CA LEU E 165 -4.25 25.91 -52.55
C LEU E 165 -5.17 26.14 -51.35
N TYR E 166 -6.17 27.00 -51.55
CA TYR E 166 -7.19 27.21 -50.53
C TYR E 166 -7.92 25.90 -50.18
N LEU E 167 -8.41 25.19 -51.18
CA LEU E 167 -9.08 23.90 -50.96
C LEU E 167 -8.19 22.88 -50.25
N ALA E 168 -6.92 22.78 -50.67
CA ALA E 168 -5.97 21.86 -50.03
C ALA E 168 -5.74 22.25 -48.57
N ASP E 169 -5.55 23.54 -48.32
CA ASP E 169 -5.35 24.03 -46.97
C ASP E 169 -6.55 23.78 -46.04
N GLN E 170 -7.76 23.97 -46.57
CA GLN E 170 -8.98 23.72 -45.83
C GLN E 170 -9.15 22.23 -45.55
N TYR E 171 -8.77 21.40 -46.51
CA TYR E 171 -8.77 19.95 -46.32
C TYR E 171 -7.84 19.55 -45.17
N VAL E 172 -6.61 20.05 -45.21
CA VAL E 172 -5.62 19.80 -44.15
C VAL E 172 -6.09 20.34 -42.80
N LYS E 173 -6.66 21.55 -42.80
CA LYS E 173 -7.24 22.16 -41.60
C LYS E 173 -8.25 21.23 -40.93
N GLY E 174 -9.16 20.67 -41.73
CA GLY E 174 -10.15 19.70 -41.25
C GLY E 174 -9.53 18.47 -40.58
N ILE E 175 -8.42 17.99 -41.14
CA ILE E 175 -7.70 16.85 -40.56
C ILE E 175 -7.10 17.24 -39.21
N ALA E 176 -6.44 18.39 -39.17
CA ALA E 176 -5.85 18.94 -37.93
C ALA E 176 -6.87 18.99 -36.80
N LYS E 177 -8.03 19.58 -37.08
CA LYS E 177 -9.11 19.70 -36.10
C LYS E 177 -9.71 18.36 -35.65
N SER E 178 -9.80 17.39 -36.56
CA SER E 178 -10.39 16.11 -36.22
C SER E 178 -9.47 15.23 -35.35
N ARG E 179 -8.16 15.46 -35.44
CA ARG E 179 -7.17 14.68 -34.70
C ARG E 179 -6.94 15.17 -33.27
N LYS E 180 -7.49 16.33 -32.94
CA LYS E 180 -7.34 16.89 -31.59
C LYS E 180 -8.26 16.17 -30.60
N HIS F 9 16.59 14.61 26.37
CA HIS F 9 15.87 15.79 25.78
C HIS F 9 14.94 16.45 26.78
N HIS F 10 14.75 17.75 26.64
CA HIS F 10 13.94 18.52 27.58
C HIS F 10 12.48 18.61 27.11
N SER F 11 11.56 18.26 28.00
CA SER F 11 10.12 18.47 27.79
C SER F 11 9.63 19.61 28.66
N GLN F 12 8.62 20.33 28.18
CA GLN F 12 8.07 21.48 28.93
C GLN F 12 7.42 21.04 30.22
N ASP F 13 7.52 21.90 31.24
CA ASP F 13 6.90 21.71 32.55
C ASP F 13 5.37 21.57 32.44
N PRO F 14 4.73 20.97 33.46
CA PRO F 14 3.27 20.96 33.50
C PRO F 14 2.73 22.39 33.37
N MET F 15 1.67 22.53 32.59
CA MET F 15 1.10 23.83 32.26
C MET F 15 0.10 24.31 33.32
N LEU F 16 -0.20 23.46 34.30
CA LEU F 16 -1.15 23.78 35.36
C LEU F 16 -0.45 23.89 36.72
N SER F 17 -1.10 24.59 37.66
CA SER F 17 -0.58 24.75 39.02
C SER F 17 -0.71 23.44 39.81
N LYS F 18 0.14 23.28 40.82
CA LYS F 18 0.17 22.09 41.67
C LYS F 18 -1.17 21.73 42.30
N ASP F 19 -1.88 22.72 42.84
CA ASP F 19 -3.18 22.49 43.47
C ASP F 19 -4.22 21.99 42.47
N ILE F 20 -4.29 22.62 41.30
CA ILE F 20 -5.22 22.22 40.24
C ILE F 20 -4.89 20.80 39.75
N ILE F 21 -3.60 20.53 39.54
CA ILE F 21 -3.12 19.21 39.14
C ILE F 21 -3.59 18.14 40.13
N LYS F 22 -3.43 18.40 41.41
CA LYS F 22 -3.78 17.43 42.44
C LYS F 22 -5.30 17.16 42.46
N LEU F 23 -6.10 18.22 42.39
CA LEU F 23 -7.56 18.10 42.37
C LEU F 23 -8.06 17.36 41.15
N LEU F 24 -7.44 17.62 40.00
CA LEU F 24 -7.86 16.95 38.76
C LEU F 24 -7.48 15.48 38.79
N ASN F 25 -6.27 15.18 39.26
CA ASN F 25 -5.87 13.77 39.42
C ASN F 25 -6.77 13.03 40.41
N GLU F 26 -7.13 13.69 41.50
CA GLU F 26 -8.06 13.12 42.44
C GLU F 26 -9.42 12.85 41.79
N GLN F 27 -9.86 13.75 40.93
CA GLN F 27 -11.14 13.62 40.22
C GLN F 27 -11.15 12.43 39.24
N VAL F 28 -10.03 12.22 38.55
CA VAL F 28 -9.86 11.04 37.70
C VAL F 28 -10.09 9.75 38.52
N ASN F 29 -9.45 9.68 39.69
CA ASN F 29 -9.57 8.51 40.54
C ASN F 29 -10.96 8.38 41.16
N LYS F 30 -11.62 9.51 41.42
CA LYS F 30 -13.02 9.54 41.85
C LYS F 30 -13.95 8.91 40.81
N GLU F 31 -13.76 9.28 39.53
CA GLU F 31 -14.59 8.73 38.46
C GLU F 31 -14.33 7.23 38.22
N MET F 32 -13.08 6.81 38.35
N MET F 32 -13.07 6.83 38.34
CA MET F 32 -12.76 5.38 38.25
CA MET F 32 -12.70 5.41 38.26
C MET F 32 -13.42 4.61 39.38
C MET F 32 -13.42 4.64 39.37
N ASN F 33 -13.32 5.15 40.60
CA ASN F 33 -13.97 4.55 41.76
CA ASN F 33 -13.98 4.51 41.74
C ASN F 33 -15.48 4.41 41.53
N SER F 34 -16.09 5.51 41.07
CA SER F 34 -17.51 5.62 40.72
C SER F 34 -17.92 4.53 39.74
N SER F 35 -17.15 4.39 38.67
CA SER F 35 -17.41 3.42 37.62
C SER F 35 -17.49 2.01 38.20
N ASN F 36 -16.54 1.66 39.07
CA ASN F 36 -16.55 0.36 39.76
C ASN F 36 -17.75 0.18 40.67
N LEU F 37 -18.11 1.21 41.43
CA LEU F 37 -19.28 1.14 42.32
C LEU F 37 -20.54 0.83 41.51
N TYR F 38 -20.69 1.51 40.39
CA TYR F 38 -21.85 1.33 39.54
C TYR F 38 -21.91 -0.03 38.82
N MET F 39 -20.75 -0.58 38.47
CA MET F 39 -20.66 -1.94 37.95
C MET F 39 -21.13 -2.95 38.99
N SER F 40 -20.76 -2.70 40.25
CA SER F 40 -21.14 -3.57 41.35
C SER F 40 -22.65 -3.49 41.65
N MET F 41 -23.18 -2.28 41.72
CA MET F 41 -24.63 -2.05 41.87
C MET F 41 -25.42 -2.67 40.72
N SER F 42 -24.92 -2.49 39.50
CA SER F 42 -25.48 -3.10 38.30
C SER F 42 -25.55 -4.61 38.42
N SER F 43 -24.43 -5.22 38.77
CA SER F 43 -24.39 -6.66 38.99
C SER F 43 -25.41 -7.15 40.00
N TRP F 44 -25.49 -6.48 41.17
CA TRP F 44 -26.49 -6.80 42.17
C TRP F 44 -27.88 -6.85 41.52
N CYS F 45 -28.21 -5.83 40.73
CA CYS F 45 -29.51 -5.77 40.09
C CYS F 45 -29.71 -6.95 39.12
N TYR F 46 -28.73 -7.18 38.25
CA TYR F 46 -28.79 -8.29 37.30
C TYR F 46 -28.97 -9.66 37.96
N THR F 47 -28.40 -9.84 39.14
CA THR F 47 -28.49 -11.11 39.85
C THR F 47 -29.72 -11.18 40.78
N HIS F 48 -30.48 -10.09 40.84
CA HIS F 48 -31.74 -10.11 41.58
C HIS F 48 -32.96 -9.79 40.72
N SER F 49 -32.90 -10.20 39.45
CA SER F 49 -34.00 -10.11 38.46
C SER F 49 -34.36 -8.68 38.05
N LEU F 50 -33.47 -7.73 38.34
CA LEU F 50 -33.70 -6.35 37.95
C LEU F 50 -32.77 -5.94 36.81
N ASP F 51 -33.03 -6.47 35.62
CA ASP F 51 -32.19 -6.21 34.46
C ASP F 51 -32.33 -4.80 33.88
N GLY F 52 -33.43 -4.12 34.20
CA GLY F 52 -33.64 -2.74 33.77
C GLY F 52 -32.67 -1.83 34.51
N ALA F 53 -32.65 -1.94 35.82
CA ALA F 53 -31.68 -1.23 36.65
C ALA F 53 -30.24 -1.72 36.39
N GLY F 54 -30.06 -3.03 36.20
CA GLY F 54 -28.75 -3.58 35.81
C GLY F 54 -28.17 -2.90 34.57
N LEU F 55 -28.97 -2.82 33.50
CA LEU F 55 -28.56 -2.12 32.28
C LEU F 55 -28.30 -0.64 32.51
N PHE F 56 -29.26 0.05 33.12
CA PHE F 56 -29.11 1.48 33.41
C PHE F 56 -27.79 1.78 34.14
N LEU F 57 -27.50 1.01 35.19
CA LEU F 57 -26.33 1.23 36.03
C LEU F 57 -25.02 0.83 35.34
N PHE F 58 -25.08 -0.21 34.50
CA PHE F 58 -23.92 -0.60 33.68
C PHE F 58 -23.53 0.52 32.73
N ASP F 59 -24.51 1.05 32.01
CA ASP F 59 -24.30 2.14 31.07
C ASP F 59 -23.85 3.40 31.79
N HIS F 60 -24.35 3.60 33.01
CA HIS F 60 -23.92 4.75 33.79
C HIS F 60 -22.47 4.59 34.24
N ALA F 61 -22.10 3.37 34.65
CA ALA F 61 -20.72 3.05 35.03
C ALA F 61 -19.77 3.37 33.87
N ALA F 62 -20.14 2.96 32.66
CA ALA F 62 -19.33 3.19 31.49
C ALA F 62 -19.16 4.68 31.20
N GLU F 63 -20.22 5.45 31.41
CA GLU F 63 -20.21 6.91 31.22
C GLU F 63 -19.26 7.60 32.21
N GLU F 64 -19.22 7.12 33.44
CA GLU F 64 -18.30 7.69 34.42
C GLU F 64 -16.85 7.47 33.98
N TYR F 65 -16.54 6.28 33.44
CA TYR F 65 -15.20 6.02 32.92
C TYR F 65 -14.85 6.96 31.74
N GLU F 66 -15.84 7.27 30.91
CA GLU F 66 -15.66 8.24 29.82
C GLU F 66 -15.25 9.61 30.36
N HIS F 67 -15.86 10.03 31.47
CA HIS F 67 -15.46 11.27 32.15
C HIS F 67 -14.01 11.24 32.63
N ALA F 68 -13.60 10.14 33.25
CA ALA F 68 -12.21 9.92 33.66
C ALA F 68 -11.23 10.06 32.48
N LYS F 69 -11.54 9.39 31.36
CA LYS F 69 -10.75 9.50 30.13
C LYS F 69 -10.64 10.95 29.65
N LYS F 70 -11.75 11.68 29.67
CA LYS F 70 -11.72 13.07 29.22
C LYS F 70 -10.85 13.94 30.12
N LEU F 71 -10.93 13.72 31.43
CA LEU F 71 -10.04 14.39 32.37
C LEU F 71 -8.58 14.02 32.11
N ILE F 72 -8.32 12.74 31.87
CA ILE F 72 -6.97 12.26 31.49
C ILE F 72 -6.44 12.98 30.25
N ILE F 73 -7.26 13.08 29.19
CA ILE F 73 -6.86 13.80 27.97
C ILE F 73 -6.40 15.23 28.29
N PHE F 74 -7.18 15.96 29.09
CA PHE F 74 -6.83 17.33 29.47
C PHE F 74 -5.49 17.37 30.22
N LEU F 75 -5.26 16.42 31.13
CA LEU F 75 -3.99 16.33 31.85
C LEU F 75 -2.82 16.09 30.88
N ASN F 76 -2.96 15.11 29.98
CA ASN F 76 -1.95 14.82 28.95
C ASN F 76 -1.62 16.05 28.10
N GLU F 77 -2.65 16.79 27.67
CA GLU F 77 -2.45 17.94 26.78
CA GLU F 77 -2.49 17.96 26.80
C GLU F 77 -1.70 19.08 27.49
N ASN F 78 -1.80 19.12 28.82
CA ASN F 78 -1.12 20.15 29.61
C ASN F 78 0.22 19.69 30.17
N ASN F 79 0.72 18.55 29.68
CA ASN F 79 2.00 17.98 30.16
C ASN F 79 1.97 17.69 31.67
N VAL F 80 0.83 17.25 32.16
CA VAL F 80 0.64 16.96 33.57
C VAL F 80 0.65 15.44 33.76
N PRO F 81 1.62 14.91 34.56
CA PRO F 81 1.61 13.48 34.84
C PRO F 81 0.31 13.04 35.49
N VAL F 82 -0.24 11.94 35.01
CA VAL F 82 -1.46 11.39 35.57
C VAL F 82 -1.03 10.47 36.68
N GLN F 83 -1.60 10.67 37.87
CA GLN F 83 -1.30 9.85 39.04
CA GLN F 83 -1.28 9.80 39.01
C GLN F 83 -2.49 8.96 39.40
N LEU F 84 -2.49 7.74 38.90
CA LEU F 84 -3.55 6.78 39.19
C LEU F 84 -3.22 6.03 40.48
N THR F 85 -4.16 6.06 41.42
CA THR F 85 -3.95 5.44 42.72
C THR F 85 -4.56 4.05 42.67
N SER F 86 -4.45 3.31 43.78
CA SER F 86 -5.20 2.06 43.94
C SER F 86 -6.69 2.38 43.92
N ILE F 87 -7.47 1.56 43.24
CA ILE F 87 -8.93 1.74 43.24
C ILE F 87 -9.46 0.72 44.26
N SER F 88 -10.18 1.18 45.27
CA SER F 88 -10.65 0.26 46.31
C SER F 88 -11.83 -0.58 45.84
N ALA F 89 -11.93 -1.80 46.38
CA ALA F 89 -13.04 -2.68 46.06
C ALA F 89 -14.35 -1.97 46.42
N PRO F 90 -15.31 -1.91 45.47
CA PRO F 90 -16.58 -1.24 45.77
C PRO F 90 -17.45 -2.08 46.69
N GLU F 91 -18.40 -1.44 47.37
CA GLU F 91 -19.47 -2.16 48.07
C GLU F 91 -20.14 -3.15 47.12
N HIS F 92 -20.45 -4.35 47.60
CA HIS F 92 -21.05 -5.37 46.77
C HIS F 92 -22.35 -5.95 47.35
N LYS F 93 -22.57 -5.75 48.64
CA LYS F 93 -23.81 -6.19 49.28
C LYS F 93 -24.78 -5.02 49.43
N PHE F 94 -26.00 -5.23 48.97
CA PHE F 94 -27.02 -4.19 49.01
C PHE F 94 -28.32 -4.78 49.50
N GLU F 95 -29.21 -3.93 50.03
CA GLU F 95 -30.46 -4.38 50.61
C GLU F 95 -31.56 -4.52 49.56
N GLY F 96 -31.49 -3.72 48.52
CA GLY F 96 -32.56 -3.70 47.53
C GLY F 96 -32.43 -2.53 46.58
N LEU F 97 -33.35 -2.47 45.63
CA LEU F 97 -33.38 -1.41 44.61
C LEU F 97 -33.42 0.01 45.20
N THR F 98 -34.29 0.23 46.19
CA THR F 98 -34.41 1.56 46.80
C THR F 98 -33.11 2.00 47.46
N GLN F 99 -32.50 1.12 48.25
CA GLN F 99 -31.22 1.41 48.91
C GLN F 99 -30.11 1.71 47.91
N ILE F 100 -30.04 0.92 46.83
CA ILE F 100 -29.08 1.18 45.77
C ILE F 100 -29.25 2.60 45.20
N PHE F 101 -30.47 2.98 44.84
CA PHE F 101 -30.69 4.32 44.28
C PHE F 101 -30.57 5.48 45.29
N GLN F 102 -30.85 5.21 46.56
N GLN F 102 -30.86 5.20 46.56
CA GLN F 102 -30.58 6.17 47.62
CA GLN F 102 -30.60 6.15 47.65
C GLN F 102 -29.08 6.40 47.72
C GLN F 102 -29.10 6.39 47.79
N LYS F 103 -28.32 5.30 47.81
CA LYS F 103 -26.86 5.37 47.85
C LYS F 103 -26.31 6.09 46.61
N ALA F 104 -26.81 5.70 45.44
CA ALA F 104 -26.36 6.27 44.17
C ALA F 104 -26.62 7.77 44.07
N TYR F 105 -27.82 8.20 44.46
CA TYR F 105 -28.14 9.62 44.49
C TYR F 105 -27.23 10.40 45.43
N GLU F 106 -27.01 9.88 46.64
CA GLU F 106 -26.05 10.46 47.59
C GLU F 106 -24.64 10.53 46.99
N HIS F 107 -24.27 9.48 46.27
CA HIS F 107 -22.97 9.45 45.59
C HIS F 107 -22.86 10.55 44.53
N GLU F 108 -23.93 10.72 43.74
CA GLU F 108 -23.94 11.76 42.71
C GLU F 108 -23.88 13.17 43.32
N GLN F 109 -24.52 13.37 44.47
CA GLN F 109 -24.41 14.64 45.19
C GLN F 109 -22.95 14.96 45.56
N HIS F 110 -22.25 13.96 46.09
CA HIS F 110 -20.83 14.08 46.42
C HIS F 110 -19.96 14.41 45.20
N ILE F 111 -20.23 13.74 44.07
CA ILE F 111 -19.50 14.00 42.82
C ILE F 111 -19.72 15.45 42.38
N SER F 112 -20.97 15.91 42.41
CA SER F 112 -21.29 17.29 42.06
C SER F 112 -20.52 18.29 42.91
N GLU F 113 -20.52 18.06 44.22
CA GLU F 113 -19.75 18.88 45.17
C GLU F 113 -18.25 18.89 44.85
N SER F 114 -17.70 17.73 44.50
CA SER F 114 -16.29 17.62 44.20
C SER F 114 -15.91 18.44 42.95
N ILE F 115 -16.78 18.43 41.93
CA ILE F 115 -16.55 19.25 40.72
C ILE F 115 -16.65 20.75 41.04
N ASN F 116 -17.66 21.14 41.83
CA ASN F 116 -17.82 22.53 42.30
C ASN F 116 -16.57 23.03 43.02
N ASN F 117 -15.94 22.18 43.81
CA ASN F 117 -14.68 22.48 44.47
C ASN F 117 -13.52 22.78 43.49
N ILE F 118 -13.40 21.97 42.43
CA ILE F 118 -12.36 22.23 41.41
C ILE F 118 -12.61 23.55 40.68
N VAL F 119 -13.87 23.76 40.27
CA VAL F 119 -14.27 24.97 39.55
C VAL F 119 -14.03 26.21 40.44
N ASP F 120 -14.40 26.10 41.71
CA ASP F 120 -14.11 27.16 42.67
C ASP F 120 -12.62 27.46 42.78
N HIS F 121 -11.80 26.42 42.91
N HIS F 121 -11.81 26.42 42.92
CA HIS F 121 -10.35 26.61 42.99
CA HIS F 121 -10.35 26.54 42.98
C HIS F 121 -9.76 27.22 41.72
C HIS F 121 -9.75 27.18 41.72
N ALA F 122 -10.29 26.83 40.56
CA ALA F 122 -9.87 27.42 39.27
C ALA F 122 -10.13 28.94 39.23
N ILE F 123 -11.30 29.36 39.69
CA ILE F 123 -11.64 30.79 39.81
C ILE F 123 -10.63 31.51 40.72
N LYS F 124 -10.45 30.98 41.94
CA LYS F 124 -9.54 31.55 42.93
C LYS F 124 -8.09 31.64 42.44
N SER F 125 -7.68 30.67 41.63
CA SER F 125 -6.33 30.59 41.03
C SER F 125 -6.19 31.42 39.75
N LYS F 126 -7.31 31.92 39.24
CA LYS F 126 -7.38 32.57 37.93
C LYS F 126 -7.02 31.61 36.78
N ASP F 127 -7.25 30.32 36.97
CA ASP F 127 -7.01 29.33 35.93
C ASP F 127 -8.26 29.17 35.07
N HIS F 128 -8.43 30.06 34.09
CA HIS F 128 -9.66 30.06 33.31
C HIS F 128 -9.67 29.11 32.14
N ALA F 129 -8.50 28.62 31.75
CA ALA F 129 -8.44 27.51 30.81
C ALA F 129 -9.08 26.26 31.43
N THR F 130 -8.76 26.00 32.71
CA THR F 130 -9.36 24.88 33.43
C THR F 130 -10.84 25.13 33.75
N PHE F 131 -11.17 26.33 34.24
CA PHE F 131 -12.57 26.72 34.41
C PHE F 131 -13.40 26.42 33.15
N ASN F 132 -12.90 26.88 32.00
CA ASN F 132 -13.61 26.73 30.74
C ASN F 132 -13.70 25.26 30.31
N PHE F 133 -12.59 24.53 30.46
CA PHE F 133 -12.58 23.11 30.16
C PHE F 133 -13.64 22.32 30.94
N LEU F 134 -13.84 22.68 32.20
CA LEU F 134 -14.70 21.90 33.09
C LEU F 134 -16.21 22.08 32.84
N GLN F 135 -16.60 23.04 31.99
CA GLN F 135 -18.03 23.37 31.78
C GLN F 135 -18.89 22.23 31.23
N TRP F 136 -18.36 21.45 30.29
CA TRP F 136 -19.07 20.26 29.79
C TRP F 136 -19.33 19.30 30.96
N TYR F 137 -18.37 19.25 31.89
CA TYR F 137 -18.36 18.27 32.98
C TYR F 137 -19.37 18.68 34.05
N VAL F 138 -19.38 19.96 34.40
CA VAL F 138 -20.39 20.54 35.28
C VAL F 138 -21.80 20.25 34.73
N ALA F 139 -22.00 20.51 33.44
CA ALA F 139 -23.31 20.39 32.80
C ALA F 139 -23.79 18.93 32.79
N GLU F 140 -22.92 18.02 32.32
CA GLU F 140 -23.25 16.61 32.26
C GLU F 140 -23.47 16.01 33.65
N GLN F 141 -22.67 16.43 34.64
CA GLN F 141 -22.86 15.94 36.00
C GLN F 141 -24.19 16.42 36.59
N HIS F 142 -24.55 17.67 36.34
CA HIS F 142 -25.86 18.15 36.78
C HIS F 142 -27.01 17.30 36.21
N GLU F 143 -26.94 16.98 34.92
N GLU F 143 -26.93 16.97 34.92
CA GLU F 143 -27.95 16.14 34.29
CA GLU F 143 -27.92 16.14 34.25
C GLU F 143 -27.99 14.75 34.92
C GLU F 143 -27.98 14.74 34.89
N GLU F 144 -26.82 14.20 35.25
CA GLU F 144 -26.73 12.89 35.92
C GLU F 144 -27.33 12.92 37.32
N GLU F 145 -26.99 13.94 38.10
CA GLU F 145 -27.57 14.12 39.43
C GLU F 145 -29.11 14.24 39.40
N VAL F 146 -29.63 15.06 38.49
CA VAL F 146 -31.10 15.20 38.30
C VAL F 146 -31.75 13.86 37.92
N LEU F 147 -31.10 13.12 37.02
CA LEU F 147 -31.55 11.79 36.61
C LEU F 147 -31.74 10.84 37.80
N PHE F 148 -30.72 10.75 38.65
CA PHE F 148 -30.79 9.89 39.84
C PHE F 148 -31.84 10.36 40.84
N LYS F 149 -31.97 11.68 40.99
CA LYS F 149 -33.07 12.25 41.76
C LYS F 149 -34.43 11.78 41.21
N ASP F 150 -34.61 11.87 39.88
CA ASP F 150 -35.85 11.47 39.21
C ASP F 150 -36.15 9.97 39.34
N ILE F 151 -35.13 9.14 39.20
CA ILE F 151 -35.32 7.70 39.34
C ILE F 151 -35.66 7.33 40.78
N LEU F 152 -34.95 7.92 41.74
CA LEU F 152 -35.23 7.69 43.16
C LEU F 152 -36.66 8.11 43.49
N ASP F 153 -37.05 9.32 43.06
CA ASP F 153 -38.43 9.79 43.19
C ASP F 153 -39.46 8.77 42.67
N LYS F 154 -39.20 8.22 41.50
CA LYS F 154 -40.09 7.23 40.87
C LYS F 154 -40.16 5.90 41.61
N ILE F 155 -39.00 5.39 42.04
CA ILE F 155 -38.94 4.17 42.84
C ILE F 155 -39.75 4.35 44.13
N GLU F 156 -39.58 5.49 44.81
CA GLU F 156 -40.34 5.80 46.03
C GLU F 156 -41.85 5.97 45.77
N LEU F 157 -42.21 6.54 44.63
CA LEU F 157 -43.62 6.73 44.27
C LEU F 157 -44.33 5.40 44.04
N ILE F 158 -43.67 4.51 43.31
CA ILE F 158 -44.21 3.22 42.92
C ILE F 158 -44.37 2.31 44.13
N GLY F 159 -43.33 2.21 44.95
CA GLY F 159 -43.34 1.32 46.10
C GLY F 159 -42.92 -0.09 45.70
N ASN F 160 -42.68 -0.95 46.70
CA ASN F 160 -42.30 -2.33 46.40
C ASN F 160 -43.44 -3.35 46.56
N GLU F 161 -44.58 -2.90 47.01
CA GLU F 161 -45.74 -3.72 47.11
C GLU F 161 -46.22 -4.42 45.85
N ASN F 162 -46.76 -5.60 46.03
CA ASN F 162 -47.08 -6.41 44.85
C ASN F 162 -45.95 -6.50 43.82
N HIS F 163 -46.35 -6.04 42.58
CA HIS F 163 -45.39 -5.99 41.49
C HIS F 163 -44.75 -4.60 41.29
N GLY F 164 -44.64 -3.84 42.38
CA GLY F 164 -43.96 -2.55 42.37
C GLY F 164 -42.51 -2.59 41.86
N LEU F 165 -41.75 -3.59 42.30
CA LEU F 165 -40.38 -3.79 41.85
C LEU F 165 -40.29 -3.96 40.33
N TYR F 166 -41.14 -4.83 39.79
CA TYR F 166 -41.24 -5.01 38.36
C TYR F 166 -41.51 -3.67 37.66
N LEU F 167 -42.50 -2.94 38.15
CA LEU F 167 -42.87 -1.64 37.57
C LEU F 167 -41.72 -0.64 37.59
N ALA F 168 -41.06 -0.49 38.74
CA ALA F 168 -39.90 0.40 38.85
C ALA F 168 -38.77 -0.02 37.91
N ASP F 169 -38.52 -1.32 37.84
CA ASP F 169 -37.44 -1.82 36.99
C ASP F 169 -37.71 -1.58 35.50
N GLN F 170 -38.97 -1.76 35.09
CA GLN F 170 -39.35 -1.51 33.70
C GLN F 170 -39.22 -0.04 33.33
N TYR F 171 -39.57 0.81 34.29
CA TYR F 171 -39.45 2.25 34.13
C TYR F 171 -37.97 2.64 33.93
N VAL F 172 -37.08 2.07 34.73
CA VAL F 172 -35.63 2.31 34.61
C VAL F 172 -35.07 1.74 33.28
N LYS F 173 -35.57 0.57 32.89
CA LYS F 173 -35.25 -0.05 31.60
C LYS F 173 -35.57 0.88 30.43
N GLY F 174 -36.74 1.50 30.48
CA GLY F 174 -37.16 2.48 29.48
C GLY F 174 -36.22 3.67 29.39
N ILE F 175 -35.79 4.18 30.54
CA ILE F 175 -34.82 5.27 30.59
C ILE F 175 -33.48 4.84 29.99
N ALA F 176 -33.00 3.67 30.41
CA ALA F 176 -31.73 3.12 29.91
C ALA F 176 -31.72 3.01 28.38
N LYS F 177 -32.79 2.49 27.81
CA LYS F 177 -32.90 2.31 26.38
C LYS F 177 -33.03 3.65 25.64
N SER F 178 -33.73 4.61 26.26
CA SER F 178 -33.90 5.92 25.65
C SER F 178 -32.61 6.76 25.61
N ARG F 179 -31.70 6.48 26.56
CA ARG F 179 -30.46 7.25 26.67
C ARG F 179 -29.37 6.77 25.73
N LYS F 180 -29.52 5.56 25.21
CA LYS F 180 -28.68 5.05 24.13
C LYS F 180 -29.05 5.78 22.83
FE FE G . -6.59 -7.83 26.43
FE FE H . -4.32 -6.91 25.30
FE FE I . 16.03 10.55 9.05
C1 GOL J . -10.44 0.67 34.86
O1 GOL J . -9.45 1.62 34.54
C2 GOL J . -11.19 1.03 36.14
O2 GOL J . -12.11 2.06 35.88
C3 GOL J . -10.24 1.48 37.25
O3 GOL J . -9.36 0.43 37.60
FE FE K . 11.26 29.38 -18.79
FE FE L . 12.11 28.56 -16.37
C1 GOL M . 13.57 20.64 -29.99
O1 GOL M . 12.85 19.54 -30.49
C2 GOL M . 14.65 20.16 -29.01
O2 GOL M . 14.17 19.05 -28.29
C3 GOL M . 14.98 21.26 -28.04
O3 GOL M . 14.03 21.28 -27.00
FE FE N . -6.75 -27.63 1.77
FE FE O . -8.17 -29.28 0.33
FE FE P . 8.44 -13.38 -13.73
FE FE Q . 9.87 -11.63 -12.19
C1 GOL R . 5.66 -24.90 -4.95
O1 GOL R . 6.86 -25.16 -5.64
C2 GOL R . 4.78 -24.03 -5.84
O2 GOL R . 3.45 -24.07 -5.35
C3 GOL R . 5.29 -22.59 -5.94
O3 GOL R . 5.52 -22.01 -4.67
FE FE S . 7.59 9.58 -35.41
FE FE T . 6.44 10.40 -37.53
FE FE U . -14.01 25.41 -57.09
FE FE V . -19.72 12.20 36.91
FE FE W . -21.92 11.44 37.69
FE FE X . -50.24 -2.59 37.53
#